data_3N3Y
#
_entry.id   3N3Y
#
_cell.length_a   65.525
_cell.length_b   79.956
_cell.length_c   96.405
_cell.angle_alpha   90.000
_cell.angle_beta   103.140
_cell.angle_gamma   90.000
#
_symmetry.space_group_name_H-M   'P 1 21 1'
#
loop_
_entity.id
_entity.type
_entity.pdbx_description
1 polymer 'Thymidylate synthase thyX'
2 non-polymer "2'-DEOXYURIDINE 5'-MONOPHOSPHATE"
3 non-polymer 'FLAVIN-ADENINE DINUCLEOTIDE'
4 water water
#
_entity_poly.entity_id   1
_entity_poly.type   'polypeptide(L)'
_entity_poly.pdbx_seq_one_letter_code
;GPLGSPEFMEVICKHYTPLDIASQAIRTCWQSFEYSDDGGCKDKELIHRVGNIFRHSSTLEHLYYNFEIKGLSRGALQEL
SRHRIASLSVKSSRYTLRELKEVESFLPLNETNLERAREFLVFVDNEKVNAMSVLALENLRVLLSEHNIKNDLAKYAMPE
SYKTHLAYSINARSLQNLLTLRSSNKALKEMQDLAKALFDALPGEHQYLFEDCLKH
;
_entity_poly.pdbx_strand_id   A,B,C,D
#
loop_
_chem_comp.id
_chem_comp.type
_chem_comp.name
_chem_comp.formula
FAD non-polymer 'FLAVIN-ADENINE DINUCLEOTIDE' 'C27 H33 N9 O15 P2'
UMP non-polymer '2'-DEOXYURIDINE 5'-MONOPHOSPHATE' 'C9 H13 N2 O8 P'
#
# COMPACT_ATOMS: atom_id res chain seq x y z
N PHE A 8 -16.95 16.97 19.12
CA PHE A 8 -16.34 18.17 19.70
C PHE A 8 -15.03 18.52 18.96
N MET A 9 -14.47 17.56 18.24
CA MET A 9 -13.33 17.86 17.36
C MET A 9 -13.82 18.43 16.03
N GLU A 10 -13.08 19.38 15.46
CA GLU A 10 -13.48 20.06 14.23
C GLU A 10 -12.90 19.43 12.95
N VAL A 11 -13.76 18.97 12.07
CA VAL A 11 -13.36 18.41 10.78
C VAL A 11 -13.87 19.23 9.59
N ILE A 12 -12.94 19.69 8.75
CA ILE A 12 -13.26 20.39 7.50
C ILE A 12 -12.84 19.55 6.30
N CYS A 13 -13.73 19.40 5.33
CA CYS A 13 -13.32 18.87 4.04
C CYS A 13 -12.89 20.03 3.15
N LYS A 14 -11.60 20.12 2.86
CA LYS A 14 -11.04 21.27 2.15
C LYS A 14 -11.04 21.09 0.63
N HIS A 15 -11.02 19.84 0.17
CA HIS A 15 -11.11 19.60 -1.25
C HIS A 15 -11.57 18.19 -1.50
N TYR A 16 -12.35 18.02 -2.56
CA TYR A 16 -12.81 16.69 -2.95
C TYR A 16 -12.85 16.55 -4.46
N THR A 17 -12.97 15.31 -4.90
CA THR A 17 -12.96 14.97 -6.30
C THR A 17 -14.39 14.94 -6.81
N PRO A 18 -14.67 15.72 -7.87
CA PRO A 18 -16.00 15.71 -8.49
C PRO A 18 -16.43 14.27 -8.73
N LEU A 19 -17.68 13.95 -8.45
CA LEU A 19 -18.21 12.60 -8.67
C LEU A 19 -18.05 12.05 -10.10
N ASP A 20 -18.12 12.92 -11.09
CA ASP A 20 -18.08 12.47 -12.48
C ASP A 20 -16.76 11.74 -12.76
N ILE A 21 -15.69 12.11 -12.05
CA ILE A 21 -14.44 11.38 -12.19
C ILE A 21 -14.69 9.90 -11.97
N ALA A 22 -15.48 9.57 -10.95
CA ALA A 22 -15.78 8.18 -10.64
C ALA A 22 -16.61 7.53 -11.73
N SER A 23 -17.71 8.17 -12.15
CA SER A 23 -18.58 7.55 -13.17
C SER A 23 -17.91 7.39 -14.56
N GLN A 24 -17.10 8.36 -14.96
CA GLN A 24 -16.31 8.20 -16.17
C GLN A 24 -15.36 6.99 -16.05
N ALA A 25 -14.79 6.79 -14.86
CA ALA A 25 -13.90 5.66 -14.63
C ALA A 25 -14.62 4.32 -14.75
N ILE A 26 -15.84 4.28 -14.23
CA ILE A 26 -16.60 3.05 -14.25
C ILE A 26 -17.00 2.66 -15.68
N ARG A 27 -17.38 3.68 -16.46
CA ARG A 27 -17.84 3.44 -17.81
C ARG A 27 -16.68 3.07 -18.73
N THR A 28 -15.47 3.50 -18.37
CA THR A 28 -14.28 3.16 -19.12
C THR A 28 -14.08 1.64 -19.21
N CYS A 29 -14.44 0.94 -18.15
CA CYS A 29 -14.18 -0.49 -18.06
C CYS A 29 -14.95 -1.27 -19.11
N TRP A 30 -16.24 -0.97 -19.25
CA TRP A 30 -17.10 -1.65 -20.22
C TRP A 30 -17.43 -0.76 -21.40
N GLN A 31 -16.78 0.42 -21.45
CA GLN A 31 -16.94 1.33 -22.58
C GLN A 31 -18.41 1.67 -22.87
N SER A 32 -19.15 1.99 -21.82
CA SER A 32 -20.60 2.19 -21.91
C SER A 32 -20.97 3.67 -21.84
N PHE A 33 -20.12 4.54 -22.39
CA PHE A 33 -20.38 5.97 -22.38
C PHE A 33 -21.72 6.33 -23.04
N GLU A 34 -22.18 5.46 -23.94
CA GLU A 34 -23.45 5.66 -24.62
C GLU A 34 -24.59 5.76 -23.61
N TYR A 35 -24.49 5.04 -22.51
CA TYR A 35 -25.54 5.01 -21.49
C TYR A 35 -25.43 6.16 -20.49
N SER A 36 -24.40 7.00 -20.67
CA SER A 36 -24.11 8.09 -19.74
C SER A 36 -25.11 9.23 -19.87
N ASP A 37 -25.43 9.88 -18.76
CA ASP A 37 -26.33 11.03 -18.82
C ASP A 37 -25.68 12.36 -18.41
N ASP A 38 -24.37 12.47 -18.64
CA ASP A 38 -23.69 13.77 -18.55
C ASP A 38 -23.59 14.23 -17.09
N GLY A 39 -23.44 13.27 -16.18
CA GLY A 39 -23.34 13.57 -14.75
C GLY A 39 -24.68 13.62 -14.03
N GLY A 40 -25.75 13.17 -14.69
CA GLY A 40 -27.08 13.15 -14.10
C GLY A 40 -27.28 12.03 -13.08
N CYS A 41 -28.55 11.81 -12.68
CA CYS A 41 -28.86 10.86 -11.61
C CYS A 41 -28.50 9.41 -11.94
N LYS A 42 -28.57 9.05 -13.21
CA LYS A 42 -28.17 7.70 -13.64
C LYS A 42 -26.66 7.49 -13.50
N ASP A 43 -25.88 8.55 -13.70
CA ASP A 43 -24.44 8.47 -13.47
C ASP A 43 -24.14 8.33 -11.96
N LYS A 44 -24.85 9.12 -11.13
CA LYS A 44 -24.69 9.01 -9.68
C LYS A 44 -25.08 7.63 -9.21
N GLU A 45 -26.16 7.11 -9.76
CA GLU A 45 -26.66 5.81 -9.38
C GLU A 45 -25.61 4.75 -9.66
N LEU A 46 -24.91 4.90 -10.78
CA LEU A 46 -23.91 3.94 -11.22
C LEU A 46 -22.73 3.81 -10.25
N ILE A 47 -22.26 4.94 -9.73
CA ILE A 47 -21.14 4.94 -8.80
C ILE A 47 -21.49 4.11 -7.58
N HIS A 48 -22.71 4.28 -7.11
CA HIS A 48 -23.16 3.61 -5.91
C HIS A 48 -23.32 2.11 -6.11
N ARG A 49 -23.93 1.70 -7.21
CA ARG A 49 -24.22 0.29 -7.43
C ARG A 49 -22.97 -0.54 -7.73
N VAL A 50 -22.12 -0.04 -8.63
CA VAL A 50 -20.87 -0.73 -8.98
C VAL A 50 -19.81 -0.59 -7.89
N GLY A 51 -19.66 0.62 -7.36
CA GLY A 51 -18.75 0.87 -6.26
C GLY A 51 -18.91 -0.09 -5.08
N ASN A 52 -20.09 -0.70 -4.97
CA ASN A 52 -20.37 -1.59 -3.83
C ASN A 52 -20.38 -3.08 -4.18
N ILE A 53 -20.11 -3.42 -5.44
CA ILE A 53 -19.76 -4.79 -5.77
C ILE A 53 -18.30 -4.91 -5.38
N PHE A 54 -17.96 -5.91 -4.57
CA PHE A 54 -16.60 -5.96 -4.05
C PHE A 54 -15.54 -5.98 -5.15
N ARG A 55 -15.71 -6.85 -6.14
CA ARG A 55 -14.71 -6.98 -7.19
C ARG A 55 -14.46 -5.66 -7.91
N HIS A 56 -15.40 -4.72 -7.80
CA HIS A 56 -15.29 -3.46 -8.53
C HIS A 56 -15.15 -2.23 -7.65
N SER A 57 -14.90 -2.43 -6.36
CA SER A 57 -14.77 -1.31 -5.42
C SER A 57 -13.54 -0.42 -5.64
N SER A 58 -12.58 -0.94 -6.39
CA SER A 58 -11.40 -0.15 -6.76
C SER A 58 -11.73 1.05 -7.64
N THR A 59 -12.91 1.08 -8.26
CA THR A 59 -13.34 2.27 -8.99
C THR A 59 -13.55 3.48 -8.06
N LEU A 60 -13.87 3.22 -6.79
CA LEU A 60 -14.08 4.29 -5.81
C LEU A 60 -12.79 5.02 -5.43
N GLU A 61 -11.66 4.37 -5.67
CA GLU A 61 -10.36 4.94 -5.32
C GLU A 61 -10.06 6.20 -6.08
N HIS A 62 -10.81 6.47 -7.14
CA HIS A 62 -10.57 7.70 -7.91
C HIS A 62 -11.08 8.94 -7.20
N LEU A 63 -11.99 8.74 -6.24
CA LEU A 63 -12.47 9.84 -5.39
C LEU A 63 -11.56 10.04 -4.18
N TYR A 64 -11.01 11.24 -4.07
CA TYR A 64 -10.05 11.58 -3.02
C TYR A 64 -10.54 12.76 -2.17
N TYR A 65 -10.34 12.68 -0.87
CA TYR A 65 -10.80 13.75 0.04
C TYR A 65 -9.67 14.31 0.89
N ASN A 66 -9.49 15.63 0.86
CA ASN A 66 -8.57 16.31 1.74
C ASN A 66 -9.26 16.96 2.94
N PHE A 67 -9.01 16.44 4.13
CA PHE A 67 -9.62 16.94 5.36
C PHE A 67 -8.64 17.71 6.23
N GLU A 68 -9.22 18.47 7.14
CA GLU A 68 -8.46 19.07 8.22
C GLU A 68 -9.13 18.59 9.51
N ILE A 69 -8.32 18.12 10.47
CA ILE A 69 -8.85 17.65 11.74
C ILE A 69 -8.17 18.40 12.89
N LYS A 70 -8.98 19.06 13.72
CA LYS A 70 -8.47 19.81 14.87
C LYS A 70 -9.05 19.27 16.17
N GLY A 71 -8.21 19.14 17.18
CA GLY A 71 -8.68 18.76 18.50
C GLY A 71 -8.86 17.27 18.73
N LEU A 72 -8.15 16.46 17.97
CA LEU A 72 -8.18 15.02 18.18
C LEU A 72 -7.09 14.70 19.22
N SER A 73 -7.35 13.76 20.12
CA SER A 73 -6.37 13.40 21.13
C SER A 73 -5.24 12.58 20.49
N ARG A 74 -4.07 12.58 21.13
CA ARG A 74 -2.96 11.75 20.69
C ARG A 74 -3.33 10.28 20.76
N GLY A 75 -4.12 9.93 21.78
CA GLY A 75 -4.60 8.56 21.94
C GLY A 75 -5.39 8.11 20.71
N ALA A 76 -6.24 8.99 20.20
CA ALA A 76 -7.03 8.67 19.00
C ALA A 76 -6.16 8.70 17.74
N LEU A 77 -5.15 9.56 17.74
CA LEU A 77 -4.17 9.57 16.66
C LEU A 77 -3.48 8.20 16.55
N GLN A 78 -3.20 7.57 17.68
CA GLN A 78 -2.58 6.23 17.67
C GLN A 78 -3.41 5.27 16.82
N GLU A 79 -4.72 5.35 16.96
CA GLU A 79 -5.63 4.47 16.23
C GLU A 79 -5.83 4.89 14.77
N LEU A 80 -5.98 6.19 14.53
CA LEU A 80 -6.15 6.67 13.16
C LEU A 80 -4.93 6.34 12.30
N SER A 81 -3.73 6.54 12.86
CA SER A 81 -2.46 6.14 12.22
C SER A 81 -2.40 4.69 11.72
N ARG A 82 -3.17 3.79 12.33
CA ARG A 82 -3.16 2.37 11.91
C ARG A 82 -3.90 2.09 10.60
N HIS A 83 -4.70 3.05 10.13
CA HIS A 83 -5.25 2.95 8.78
C HIS A 83 -4.21 3.39 7.75
N ARG A 84 -3.59 2.41 7.12
CA ARG A 84 -2.40 2.64 6.34
C ARG A 84 -2.67 3.24 4.96
N ILE A 85 -3.86 3.00 4.44
CA ILE A 85 -4.16 3.50 3.11
C ILE A 85 -4.76 4.89 3.20
N ALA A 86 -3.89 5.84 3.56
CA ALA A 86 -4.25 7.23 3.74
C ALA A 86 -2.97 8.04 3.88
N SER A 87 -3.09 9.36 3.80
CA SER A 87 -1.97 10.28 3.94
C SER A 87 -2.24 11.22 5.11
N LEU A 88 -1.25 11.38 5.99
CA LEU A 88 -1.38 12.24 7.17
C LEU A 88 -0.22 13.21 7.23
N SER A 89 -0.51 14.46 7.57
CA SER A 89 0.53 15.39 8.04
C SER A 89 0.09 15.94 9.40
N VAL A 90 0.88 15.64 10.41
CA VAL A 90 0.48 15.83 11.79
C VAL A 90 1.39 16.81 12.50
N LYS A 91 0.76 17.76 13.19
CA LYS A 91 1.43 18.63 14.17
C LYS A 91 2.39 17.82 15.04
N SER A 92 3.66 18.18 15.01
CA SER A 92 4.69 17.43 15.70
C SER A 92 4.96 17.98 17.09
N SER A 93 4.76 17.14 18.09
CA SER A 93 5.08 17.53 19.46
C SER A 93 6.58 17.83 19.64
N ARG A 94 7.42 17.13 18.87
CA ARG A 94 8.87 17.38 18.94
C ARG A 94 9.21 18.83 18.58
N TYR A 95 8.36 19.50 17.82
CA TYR A 95 8.69 20.85 17.38
C TYR A 95 7.69 21.95 17.76
N THR A 96 6.64 21.59 18.50
CA THR A 96 5.62 22.57 18.84
C THR A 96 5.31 22.67 20.33
N LEU A 97 5.95 21.84 21.15
CA LEU A 97 5.63 21.77 22.58
C LEU A 97 5.88 23.07 23.32
N ARG A 98 6.81 23.88 22.80
CA ARG A 98 7.12 25.18 23.39
C ARG A 98 5.91 26.13 23.47
N GLU A 99 4.84 25.77 22.77
CA GLU A 99 3.57 26.48 22.91
C GLU A 99 3.11 26.60 24.38
N LEU A 100 3.58 25.68 25.22
CA LEU A 100 3.20 25.63 26.65
C LEU A 100 4.06 26.56 27.51
N LYS A 101 5.23 26.91 27.01
CA LYS A 101 6.15 27.79 27.72
C LYS A 101 5.45 29.08 28.11
N GLU A 102 4.50 29.49 27.28
CA GLU A 102 3.92 30.83 27.37
C GLU A 102 2.66 30.95 28.23
N VAL A 103 2.15 29.84 28.75
CA VAL A 103 0.86 29.88 29.46
C VAL A 103 0.98 29.80 30.98
N GLU A 104 -0.04 30.30 31.68
CA GLU A 104 -0.08 30.33 33.14
C GLU A 104 -0.46 28.97 33.70
N SER A 105 -0.06 28.72 34.95
CA SER A 105 -0.35 27.47 35.64
C SER A 105 -1.82 27.09 35.55
N PHE A 106 -2.10 25.79 35.52
CA PHE A 106 -3.49 25.31 35.53
C PHE A 106 -3.93 24.87 36.93
N LEU A 107 -3.04 25.03 37.90
CA LEU A 107 -3.37 24.77 39.31
C LEU A 107 -3.61 26.10 40.04
N PRO A 108 -4.56 26.11 40.98
CA PRO A 108 -5.30 24.92 41.40
C PRO A 108 -6.41 24.58 40.42
N LEU A 109 -6.83 23.32 40.43
CA LEU A 109 -7.97 22.92 39.63
C LEU A 109 -9.16 23.72 40.09
N ASN A 110 -9.90 24.23 39.13
CA ASN A 110 -11.15 24.93 39.39
C ASN A 110 -11.77 25.22 38.03
N GLU A 111 -13.02 25.64 38.03
CA GLU A 111 -13.79 25.77 36.79
C GLU A 111 -13.07 26.54 35.68
N THR A 112 -12.44 27.64 36.05
CA THR A 112 -11.73 28.48 35.09
C THR A 112 -10.50 27.77 34.51
N ASN A 113 -9.69 27.19 35.39
CA ASN A 113 -8.48 26.50 34.95
C ASN A 113 -8.80 25.23 34.17
N LEU A 114 -9.91 24.58 34.53
CA LEU A 114 -10.36 23.39 33.82
C LEU A 114 -10.79 23.78 32.40
N GLU A 115 -11.42 24.94 32.27
CA GLU A 115 -11.81 25.41 30.96
C GLU A 115 -10.57 25.76 30.15
N ARG A 116 -9.64 26.47 30.77
CA ARG A 116 -8.39 26.84 30.11
C ARG A 116 -7.63 25.61 29.56
N ALA A 117 -7.60 24.54 30.32
CA ALA A 117 -6.86 23.34 29.95
C ALA A 117 -7.46 22.62 28.75
N ARG A 118 -8.75 22.86 28.50
CA ARG A 118 -9.41 22.21 27.38
C ARG A 118 -8.90 22.69 26.05
N GLU A 119 -8.13 23.77 26.05
CA GLU A 119 -7.48 24.18 24.81
C GLU A 119 -6.42 23.16 24.40
N PHE A 120 -5.87 22.45 25.37
CA PHE A 120 -4.76 21.54 25.10
C PHE A 120 -5.11 20.08 25.29
N LEU A 121 -6.24 19.81 25.94
CA LEU A 121 -6.61 18.45 26.28
C LEU A 121 -7.97 18.06 25.78
N VAL A 122 -8.12 16.80 25.41
CA VAL A 122 -9.45 16.25 25.14
C VAL A 122 -10.06 15.73 26.43
N PHE A 123 -11.21 16.25 26.81
CA PHE A 123 -11.88 15.78 28.01
C PHE A 123 -12.82 14.65 27.64
N VAL A 124 -12.96 13.68 28.53
CA VAL A 124 -13.92 12.61 28.34
C VAL A 124 -15.02 12.73 29.39
N ASP A 125 -15.99 11.82 29.38
CA ASP A 125 -17.07 11.90 30.34
C ASP A 125 -16.79 11.22 31.66
N ASN A 126 -15.77 11.70 32.33
CA ASN A 126 -15.48 11.41 33.69
C ASN A 126 -14.68 12.54 34.24
N GLU A 127 -15.11 13.13 35.31
CA GLU A 127 -14.43 14.25 35.90
C GLU A 127 -13.05 13.95 36.46
N LYS A 128 -12.91 12.77 37.02
CA LYS A 128 -11.67 12.35 37.65
C LYS A 128 -10.57 12.19 36.62
N VAL A 129 -10.88 11.48 35.54
CA VAL A 129 -9.91 11.28 34.47
C VAL A 129 -9.43 12.63 33.95
N ASN A 130 -10.37 13.54 33.72
CA ASN A 130 -10.03 14.85 33.20
C ASN A 130 -9.11 15.63 34.15
N ALA A 131 -9.37 15.49 35.45
CA ALA A 131 -8.52 16.12 36.46
C ALA A 131 -7.09 15.58 36.37
N MET A 132 -6.95 14.27 36.26
CA MET A 132 -5.62 13.69 36.04
C MET A 132 -4.94 14.21 34.76
N SER A 133 -5.69 14.40 33.68
CA SER A 133 -5.06 14.89 32.46
C SER A 133 -4.49 16.28 32.68
N VAL A 134 -5.25 17.11 33.38
CA VAL A 134 -4.77 18.45 33.73
C VAL A 134 -3.54 18.41 34.64
N LEU A 135 -3.54 17.52 35.63
CA LEU A 135 -2.35 17.35 36.46
C LEU A 135 -1.12 17.05 35.59
N ALA A 136 -1.29 16.12 34.65
CA ALA A 136 -0.23 15.72 33.72
C ALA A 136 0.20 16.88 32.85
N LEU A 137 -0.77 17.66 32.40
CA LEU A 137 -0.51 18.82 31.56
C LEU A 137 0.28 19.85 32.33
N GLU A 138 -0.10 20.05 33.59
CA GLU A 138 0.63 20.98 34.47
C GLU A 138 2.08 20.55 34.67
N ASN A 139 2.32 19.28 35.01
CA ASN A 139 3.71 18.80 35.08
C ASN A 139 4.49 19.01 33.78
N LEU A 140 3.83 18.78 32.65
CA LEU A 140 4.44 19.00 31.33
C LEU A 140 4.81 20.47 31.16
N ARG A 141 3.89 21.35 31.55
CA ARG A 141 4.13 22.79 31.46
C ARG A 141 5.35 23.19 32.28
N VAL A 142 5.42 22.69 33.52
CA VAL A 142 6.57 22.93 34.37
C VAL A 142 7.91 22.46 33.75
N LEU A 143 7.94 21.25 33.18
CA LEU A 143 9.16 20.74 32.57
C LEU A 143 9.69 21.69 31.52
N LEU A 144 8.77 22.17 30.69
CA LEU A 144 9.10 23.04 29.58
C LEU A 144 9.42 24.48 29.98
N SER A 145 8.79 24.95 31.05
CA SER A 145 8.69 26.38 31.33
C SER A 145 9.65 26.85 32.41
N GLU A 146 9.86 26.00 33.41
CA GLU A 146 10.72 26.37 34.51
C GLU A 146 12.09 25.71 34.38
N HIS A 147 12.12 24.46 33.93
CA HIS A 147 13.41 23.77 33.77
C HIS A 147 13.93 23.84 32.33
N ASN A 148 13.14 24.39 31.42
CA ASN A 148 13.55 24.51 30.03
C ASN A 148 14.10 23.21 29.43
N ILE A 149 13.44 22.10 29.69
CA ILE A 149 13.88 20.82 29.12
C ILE A 149 13.45 20.73 27.65
N LYS A 150 14.29 20.12 26.83
CA LYS A 150 14.01 19.97 25.40
C LYS A 150 12.72 19.20 25.14
N ASN A 151 12.03 19.57 24.06
CA ASN A 151 10.82 18.89 23.62
C ASN A 151 10.96 17.37 23.51
N ASP A 152 12.04 16.89 22.90
CA ASP A 152 12.32 15.46 22.71
C ASP A 152 12.31 14.63 24.01
N LEU A 153 12.59 15.29 25.13
CA LEU A 153 12.61 14.63 26.43
C LEU A 153 11.29 14.89 27.15
N ALA A 154 10.83 16.13 27.08
CA ALA A 154 9.63 16.49 27.81
C ALA A 154 8.41 15.71 27.31
N LYS A 155 8.33 15.49 25.99
CA LYS A 155 7.18 14.77 25.42
C LYS A 155 6.87 13.42 26.08
N TYR A 156 7.85 12.82 26.78
CA TYR A 156 7.65 11.60 27.56
C TYR A 156 6.66 11.75 28.73
N ALA A 157 6.44 12.98 29.18
CA ALA A 157 5.51 13.21 30.27
C ALA A 157 4.12 13.59 29.79
N MET A 158 3.92 13.67 28.49
CA MET A 158 2.67 14.15 27.94
C MET A 158 1.55 13.09 28.02
N PRO A 159 0.34 13.50 28.43
CA PRO A 159 -0.76 12.54 28.49
C PRO A 159 -1.34 12.29 27.10
N GLU A 160 -1.96 11.13 26.91
CA GLU A 160 -2.55 10.80 25.61
C GLU A 160 -3.74 11.68 25.23
N SER A 161 -4.34 12.37 26.20
CA SER A 161 -5.44 13.25 25.89
C SER A 161 -4.98 14.57 25.28
N TYR A 162 -3.67 14.74 25.15
CA TYR A 162 -3.15 15.96 24.56
C TYR A 162 -3.64 16.14 23.12
N LYS A 163 -4.06 17.35 22.78
CA LYS A 163 -4.61 17.62 21.46
C LYS A 163 -3.58 17.68 20.33
N THR A 164 -3.97 17.12 19.20
CA THR A 164 -3.17 17.23 17.99
C THR A 164 -4.02 17.85 16.87
N HIS A 165 -3.36 18.12 15.74
CA HIS A 165 -3.96 18.78 14.58
C HIS A 165 -3.33 18.14 13.35
N LEU A 166 -4.13 17.83 12.34
CA LEU A 166 -3.57 17.20 11.15
C LEU A 166 -4.34 17.47 9.87
N ALA A 167 -3.61 17.36 8.76
CA ALA A 167 -4.23 17.20 7.46
C ALA A 167 -4.29 15.69 7.18
N TYR A 168 -5.46 15.25 6.77
CA TYR A 168 -5.71 13.84 6.52
C TYR A 168 -6.31 13.71 5.12
N SER A 169 -5.66 12.94 4.25
CA SER A 169 -6.21 12.71 2.91
C SER A 169 -6.45 11.24 2.68
N ILE A 170 -7.58 10.92 2.06
CA ILE A 170 -7.99 9.55 1.92
C ILE A 170 -8.92 9.38 0.71
N ASN A 171 -8.82 8.25 0.03
CA ASN A 171 -9.72 7.97 -1.09
C ASN A 171 -11.03 7.34 -0.62
N ALA A 172 -12.04 7.29 -1.49
CA ALA A 172 -13.40 6.89 -1.06
C ALA A 172 -13.52 5.44 -0.65
N ARG A 173 -12.75 4.56 -1.27
CA ARG A 173 -12.77 3.15 -0.89
C ARG A 173 -12.15 2.94 0.49
N SER A 174 -11.06 3.63 0.77
CA SER A 174 -10.43 3.51 2.08
C SER A 174 -11.30 4.20 3.12
N LEU A 175 -11.86 5.34 2.76
CA LEU A 175 -12.76 6.06 3.66
C LEU A 175 -13.94 5.18 4.07
N GLN A 176 -14.47 4.39 3.13
CA GLN A 176 -15.56 3.48 3.49
C GLN A 176 -15.13 2.51 4.57
N ASN A 177 -13.96 1.90 4.39
CA ASN A 177 -13.38 0.98 5.36
C ASN A 177 -13.26 1.66 6.74
N LEU A 178 -12.58 2.80 6.78
CA LEU A 178 -12.46 3.61 7.99
C LEU A 178 -13.80 3.81 8.71
N LEU A 179 -14.80 4.31 7.97
CA LEU A 179 -16.11 4.61 8.55
C LEU A 179 -16.76 3.38 9.14
N THR A 180 -16.65 2.25 8.45
CA THR A 180 -17.20 1.00 8.96
C THR A 180 -16.54 0.53 10.25
N LEU A 181 -15.21 0.47 10.27
CA LEU A 181 -14.47 -0.01 11.45
C LEU A 181 -14.63 0.91 12.68
N ARG A 182 -14.69 2.22 12.44
CA ARG A 182 -14.59 3.17 13.55
C ARG A 182 -15.94 3.73 14.03
N SER A 183 -17.01 3.48 13.29
CA SER A 183 -18.35 3.86 13.71
C SER A 183 -19.01 2.69 14.45
N SER A 184 -18.30 1.57 14.50
CA SER A 184 -18.77 0.38 15.22
C SER A 184 -18.88 0.60 16.73
N ASN A 185 -19.68 -0.22 17.41
CA ASN A 185 -19.78 -0.10 18.86
C ASN A 185 -18.59 -0.71 19.60
N LYS A 186 -17.74 -1.44 18.88
CA LYS A 186 -16.49 -1.96 19.46
C LYS A 186 -15.44 -0.85 19.51
N ALA A 187 -15.64 0.19 18.71
CA ALA A 187 -14.65 1.26 18.56
C ALA A 187 -14.64 2.26 19.73
N LEU A 188 -13.48 2.83 19.97
CA LEU A 188 -13.32 3.87 20.99
C LEU A 188 -14.28 5.03 20.71
N LYS A 189 -14.97 5.48 21.77
CA LYS A 189 -15.93 6.56 21.64
C LYS A 189 -15.41 7.74 20.81
N GLU A 190 -14.15 8.12 20.99
CA GLU A 190 -13.62 9.27 20.28
C GLU A 190 -13.51 8.99 18.78
N MET A 191 -13.21 7.75 18.44
CA MET A 191 -13.13 7.33 17.05
C MET A 191 -14.51 7.25 16.39
N GLN A 192 -15.54 6.93 17.17
CA GLN A 192 -16.90 6.95 16.65
C GLN A 192 -17.30 8.40 16.34
N ASP A 193 -16.92 9.31 17.23
CA ASP A 193 -17.18 10.72 16.97
C ASP A 193 -16.39 11.24 15.76
N LEU A 194 -15.16 10.75 15.59
CA LEU A 194 -14.35 11.17 14.44
C LEU A 194 -14.99 10.66 13.16
N ALA A 195 -15.47 9.42 13.18
CA ALA A 195 -16.13 8.87 12.01
C ALA A 195 -17.33 9.74 11.64
N LYS A 196 -18.16 10.05 12.64
CA LYS A 196 -19.33 10.87 12.39
C LYS A 196 -18.92 12.25 11.89
N ALA A 197 -17.93 12.85 12.53
CA ALA A 197 -17.47 14.17 12.11
C ALA A 197 -16.94 14.19 10.66
N LEU A 198 -16.34 13.07 10.22
CA LEU A 198 -15.78 12.99 8.86
C LEU A 198 -16.92 12.86 7.85
N PHE A 199 -17.89 12.02 8.16
CA PHE A 199 -19.07 11.89 7.35
C PHE A 199 -19.72 13.25 7.16
N ASP A 200 -19.93 13.96 8.26
CA ASP A 200 -20.61 15.23 8.19
C ASP A 200 -19.84 16.30 7.42
N ALA A 201 -18.51 16.15 7.33
CA ALA A 201 -17.69 17.12 6.59
C ALA A 201 -17.77 16.90 5.09
N LEU A 202 -18.23 15.72 4.67
CA LEU A 202 -18.31 15.42 3.24
C LEU A 202 -19.30 16.35 2.56
N PRO A 203 -19.07 16.65 1.26
CA PRO A 203 -20.10 17.38 0.50
C PRO A 203 -21.36 16.52 0.51
N GLY A 204 -22.53 17.14 0.69
CA GLY A 204 -23.78 16.40 0.70
C GLY A 204 -23.98 15.52 -0.54
N GLU A 205 -23.49 16.01 -1.67
CA GLU A 205 -23.66 15.28 -2.94
C GLU A 205 -22.91 13.95 -2.97
N HIS A 206 -21.86 13.82 -2.17
CA HIS A 206 -21.11 12.55 -2.06
C HIS A 206 -21.60 11.66 -0.91
N GLN A 207 -22.37 12.22 0.02
CA GLN A 207 -22.66 11.48 1.25
C GLN A 207 -23.43 10.17 1.05
N TYR A 208 -24.10 10.01 -0.08
CA TYR A 208 -24.87 8.77 -0.31
C TYR A 208 -23.99 7.54 -0.50
N LEU A 209 -22.74 7.75 -0.88
CA LEU A 209 -21.83 6.63 -1.10
C LEU A 209 -21.41 6.00 0.22
N PHE A 210 -21.47 6.79 1.28
CA PHE A 210 -20.94 6.40 2.57
C PHE A 210 -22.03 6.19 3.59
N GLU A 211 -23.22 6.68 3.30
CA GLU A 211 -24.30 6.72 4.30
C GLU A 211 -24.46 5.42 5.09
N ASP A 212 -24.28 4.29 4.41
CA ASP A 212 -24.58 2.98 4.99
C ASP A 212 -23.42 2.31 5.74
N CYS A 213 -22.21 2.86 5.58
CA CYS A 213 -21.05 2.42 6.37
C CYS A 213 -21.32 2.58 7.88
N LEU A 214 -21.95 3.71 8.22
CA LEU A 214 -22.25 4.07 9.61
C LEU A 214 -23.39 3.25 10.21
N LYS A 215 -24.12 2.54 9.34
CA LYS A 215 -25.21 1.67 9.79
C LYS A 215 -24.66 0.36 10.34
N HIS A 216 -25.01 0.06 11.59
CA HIS A 216 -24.60 -1.18 12.22
C HIS A 216 -25.81 -1.85 12.90
N PHE B 8 18.14 -0.70 26.67
CA PHE B 8 17.11 -1.07 27.65
C PHE B 8 15.82 -1.66 27.03
N MET B 9 15.76 -1.68 25.70
CA MET B 9 14.61 -2.24 24.98
C MET B 9 15.06 -3.45 24.16
N GLU B 10 14.19 -4.45 24.04
CA GLU B 10 14.62 -5.69 23.42
C GLU B 10 13.86 -6.00 22.15
N VAL B 11 14.62 -6.26 21.09
CA VAL B 11 14.08 -6.68 19.81
C VAL B 11 14.56 -8.09 19.47
N ILE B 12 13.61 -8.97 19.12
CA ILE B 12 13.98 -10.31 18.66
C ILE B 12 13.46 -10.63 17.25
N CYS B 13 14.32 -11.23 16.44
CA CYS B 13 13.93 -11.69 15.13
C CYS B 13 13.46 -13.13 15.27
N LYS B 14 12.17 -13.34 15.12
CA LYS B 14 11.60 -14.65 15.33
C LYS B 14 11.66 -15.52 14.08
N HIS B 15 11.61 -14.91 12.90
CA HIS B 15 11.66 -15.68 11.66
C HIS B 15 12.05 -14.77 10.53
N TYR B 16 12.81 -15.31 9.59
CA TYR B 16 13.23 -14.54 8.42
C TYR B 16 13.28 -15.44 7.18
N THR B 17 13.06 -14.82 6.03
CA THR B 17 13.11 -15.51 4.75
C THR B 17 14.56 -15.82 4.39
N PRO B 18 14.82 -17.08 3.97
CA PRO B 18 16.17 -17.46 3.55
C PRO B 18 16.63 -16.57 2.39
N LEU B 19 17.91 -16.18 2.38
CA LEU B 19 18.45 -15.30 1.35
C LEU B 19 18.29 -15.79 -0.11
N ASP B 20 18.32 -17.11 -0.32
CA ASP B 20 18.27 -17.61 -1.68
C ASP B 20 16.91 -17.39 -2.33
N ILE B 21 15.87 -17.20 -1.51
CA ILE B 21 14.56 -16.80 -2.02
C ILE B 21 14.64 -15.52 -2.85
N ALA B 22 15.45 -14.56 -2.41
CA ALA B 22 15.63 -13.34 -3.19
C ALA B 22 16.49 -13.55 -4.42
N SER B 23 17.52 -14.38 -4.32
CA SER B 23 18.36 -14.63 -5.51
C SER B 23 17.59 -15.36 -6.61
N GLN B 24 16.77 -16.33 -6.22
CA GLN B 24 15.94 -17.06 -7.19
C GLN B 24 14.95 -16.15 -7.89
N ALA B 25 14.55 -15.06 -7.24
CA ALA B 25 13.64 -14.10 -7.85
C ALA B 25 14.36 -13.20 -8.87
N ILE B 26 15.55 -12.73 -8.54
CA ILE B 26 16.30 -11.87 -9.46
C ILE B 26 16.57 -12.61 -10.77
N ARG B 27 17.00 -13.87 -10.65
CA ARG B 27 17.34 -14.69 -11.80
C ARG B 27 16.13 -15.08 -12.66
N THR B 28 14.92 -14.81 -12.16
CA THR B 28 13.70 -15.14 -12.88
C THR B 28 13.34 -14.09 -13.92
N CYS B 29 13.77 -12.85 -13.68
CA CYS B 29 13.49 -11.73 -14.58
C CYS B 29 14.19 -11.89 -15.93
N TRP B 30 15.49 -12.11 -15.87
CA TRP B 30 16.30 -12.22 -17.09
C TRP B 30 16.68 -13.67 -17.39
N GLN B 31 16.04 -14.60 -16.69
CA GLN B 31 16.27 -16.04 -16.87
C GLN B 31 17.73 -16.43 -16.71
N SER B 32 18.41 -15.80 -15.74
CA SER B 32 19.82 -16.07 -15.53
C SER B 32 20.06 -17.19 -14.51
N PHE B 33 19.15 -18.16 -14.49
CA PHE B 33 19.28 -19.32 -13.59
C PHE B 33 20.53 -20.13 -13.91
N GLU B 34 21.13 -19.85 -15.07
CA GLU B 34 22.35 -20.51 -15.52
C GLU B 34 23.54 -20.25 -14.60
N TYR B 35 23.63 -19.02 -14.08
CA TYR B 35 24.78 -18.60 -13.27
C TYR B 35 24.50 -18.62 -11.76
N SER B 36 23.56 -19.47 -11.35
CA SER B 36 23.24 -19.62 -9.92
C SER B 36 24.25 -20.54 -9.23
N ASP B 37 24.45 -20.34 -7.93
CA ASP B 37 25.38 -21.18 -7.17
C ASP B 37 24.86 -21.55 -5.77
N ASP B 38 23.62 -22.05 -5.72
CA ASP B 38 23.02 -22.51 -4.46
C ASP B 38 22.84 -21.40 -3.42
N GLY B 39 23.09 -20.15 -3.82
CA GLY B 39 22.95 -19.01 -2.92
C GLY B 39 24.26 -18.50 -2.33
N GLY B 40 25.37 -18.85 -2.96
CA GLY B 40 26.68 -18.47 -2.48
C GLY B 40 27.08 -17.04 -2.83
N CYS B 41 28.38 -16.84 -3.06
CA CYS B 41 28.94 -15.53 -3.34
C CYS B 41 28.44 -14.93 -4.65
N LYS B 42 28.09 -15.79 -5.61
CA LYS B 42 27.52 -15.32 -6.86
C LYS B 42 26.08 -14.80 -6.66
N ASP B 43 25.31 -15.50 -5.84
CA ASP B 43 23.92 -15.14 -5.58
C ASP B 43 23.77 -13.96 -4.60
N LYS B 44 24.65 -13.91 -3.60
CA LYS B 44 24.60 -12.86 -2.60
C LYS B 44 25.08 -11.51 -3.14
N GLU B 45 26.13 -11.55 -3.96
CA GLU B 45 26.59 -10.36 -4.66
C GLU B 45 25.47 -9.77 -5.51
N LEU B 46 24.72 -10.67 -6.16
CA LEU B 46 23.61 -10.29 -7.02
C LEU B 46 22.50 -9.55 -6.27
N ILE B 47 22.15 -10.05 -5.08
CA ILE B 47 21.08 -9.47 -4.28
C ILE B 47 21.40 -8.03 -3.89
N HIS B 48 22.60 -7.85 -3.34
CA HIS B 48 23.09 -6.55 -2.95
C HIS B 48 23.14 -5.62 -4.16
N ARG B 49 23.77 -6.10 -5.23
CA ARG B 49 23.98 -5.30 -6.44
C ARG B 49 22.68 -4.88 -7.15
N VAL B 50 21.87 -5.87 -7.54
CA VAL B 50 20.63 -5.61 -8.28
C VAL B 50 19.57 -4.94 -7.40
N GLY B 51 19.36 -5.50 -6.21
CA GLY B 51 18.37 -4.97 -5.28
C GLY B 51 18.62 -3.52 -4.90
N ASN B 52 19.89 -3.12 -4.88
CA ASN B 52 20.22 -1.72 -4.64
C ASN B 52 19.97 -0.79 -5.83
N ILE B 53 19.93 -1.36 -7.05
CA ILE B 53 19.49 -0.61 -8.24
C ILE B 53 18.01 -0.28 -8.09
N PHE B 54 17.67 1.01 -8.04
CA PHE B 54 16.31 1.38 -7.70
C PHE B 54 15.21 0.77 -8.57
N ARG B 55 15.40 0.73 -9.89
CA ARG B 55 14.37 0.16 -10.76
C ARG B 55 14.11 -1.32 -10.45
N HIS B 56 15.03 -1.95 -9.72
CA HIS B 56 14.93 -3.37 -9.35
C HIS B 56 14.95 -3.65 -7.84
N SER B 57 14.72 -2.63 -7.02
CA SER B 57 14.72 -2.82 -5.57
C SER B 57 13.53 -3.71 -5.16
N SER B 58 12.55 -3.79 -6.05
CA SER B 58 11.43 -4.72 -5.94
C SER B 58 11.84 -6.15 -5.51
N THR B 59 13.06 -6.56 -5.80
CA THR B 59 13.53 -7.92 -5.48
C THR B 59 13.76 -8.17 -3.99
N LEU B 60 13.93 -7.10 -3.23
CA LEU B 60 14.13 -7.19 -1.77
C LEU B 60 12.82 -7.46 -1.04
N GLU B 61 11.71 -7.15 -1.69
CA GLU B 61 10.39 -7.35 -1.08
C GLU B 61 10.05 -8.81 -0.83
N HIS B 62 10.84 -9.74 -1.39
CA HIS B 62 10.57 -11.17 -1.19
C HIS B 62 11.10 -11.64 0.16
N LEU B 63 11.99 -10.87 0.77
CA LEU B 63 12.49 -11.17 2.10
C LEU B 63 11.62 -10.53 3.19
N TYR B 64 11.16 -11.37 4.10
CA TYR B 64 10.29 -10.95 5.18
C TYR B 64 10.92 -11.21 6.55
N TYR B 65 10.70 -10.30 7.49
CA TYR B 65 11.23 -10.44 8.84
C TYR B 65 10.13 -10.32 9.87
N ASN B 66 10.03 -11.30 10.75
CA ASN B 66 9.09 -11.24 11.87
C ASN B 66 9.85 -10.94 13.15
N PHE B 67 9.56 -9.77 13.72
CA PHE B 67 10.22 -9.31 14.94
C PHE B 67 9.24 -9.29 16.08
N GLU B 68 9.77 -9.44 17.28
CA GLU B 68 9.07 -9.08 18.50
C GLU B 68 9.84 -7.91 19.15
N ILE B 69 9.11 -6.90 19.63
CA ILE B 69 9.70 -5.69 20.16
C ILE B 69 9.15 -5.41 21.57
N LYS B 70 10.05 -5.37 22.55
CA LYS B 70 9.64 -5.18 23.94
C LYS B 70 10.25 -3.91 24.50
N GLY B 71 9.44 -3.13 25.18
CA GLY B 71 9.96 -1.99 25.93
C GLY B 71 10.00 -0.69 25.15
N LEU B 72 9.24 -0.62 24.07
CA LEU B 72 9.12 0.61 23.32
C LEU B 72 8.04 1.46 24.00
N SER B 73 8.22 2.78 24.02
CA SER B 73 7.19 3.68 24.56
C SER B 73 6.05 3.91 23.55
N ARG B 74 4.89 4.31 24.06
CA ARG B 74 3.77 4.74 23.20
C ARG B 74 4.15 5.96 22.33
N GLY B 75 4.99 6.84 22.87
CA GLY B 75 5.51 7.95 22.10
C GLY B 75 6.23 7.48 20.85
N ALA B 76 7.12 6.49 21.01
CA ALA B 76 7.86 5.93 19.87
C ALA B 76 6.91 5.16 18.94
N LEU B 77 5.95 4.48 19.54
CA LEU B 77 4.94 3.77 18.77
C LEU B 77 4.17 4.68 17.80
N GLN B 78 3.94 5.94 18.17
CA GLN B 78 3.26 6.87 17.26
C GLN B 78 4.07 7.05 15.99
N GLU B 79 5.39 7.05 16.13
CA GLU B 79 6.29 7.30 15.02
C GLU B 79 6.47 6.03 14.17
N LEU B 80 6.67 4.90 14.83
CA LEU B 80 6.79 3.62 14.13
C LEU B 80 5.53 3.30 13.31
N SER B 81 4.36 3.63 13.86
CA SER B 81 3.08 3.37 13.19
C SER B 81 2.93 4.07 11.85
N ARG B 82 3.74 5.09 11.59
CA ARG B 82 3.62 5.90 10.39
C ARG B 82 4.31 5.23 9.21
N HIS B 83 5.10 4.19 9.48
CA HIS B 83 5.61 3.36 8.39
C HIS B 83 4.54 2.38 8.01
N ARG B 84 3.90 2.71 6.89
CA ARG B 84 2.69 2.05 6.46
C ARG B 84 2.94 0.69 5.82
N ILE B 85 4.09 0.53 5.17
CA ILE B 85 4.38 -0.76 4.54
C ILE B 85 5.03 -1.75 5.51
N ALA B 86 4.20 -2.32 6.38
CA ALA B 86 4.64 -3.17 7.47
C ALA B 86 3.41 -3.66 8.18
N SER B 87 3.55 -4.70 8.98
CA SER B 87 2.44 -5.24 9.76
C SER B 87 2.79 -5.18 11.24
N LEU B 88 1.84 -4.71 12.04
CA LEU B 88 2.03 -4.55 13.48
C LEU B 88 0.89 -5.24 14.21
N SER B 89 1.22 -5.94 15.29
CA SER B 89 0.21 -6.34 16.27
C SER B 89 0.64 -5.80 17.63
N VAL B 90 -0.18 -4.92 18.18
CA VAL B 90 0.22 -4.17 19.34
C VAL B 90 -0.65 -4.49 20.56
N LYS B 91 0.02 -4.70 21.69
CA LYS B 91 -0.60 -4.69 23.02
C LYS B 91 -1.54 -3.51 23.12
N SER B 92 -2.81 -3.79 23.39
CA SER B 92 -3.84 -2.76 23.48
C SER B 92 -4.05 -2.28 24.93
N SER B 93 -3.99 -0.97 25.13
CA SER B 93 -4.26 -0.41 26.46
C SER B 93 -5.75 -0.50 26.78
N ARG B 94 -6.57 -0.45 25.74
CA ARG B 94 -8.01 -0.61 25.91
C ARG B 94 -8.34 -1.93 26.59
N TYR B 95 -7.49 -2.94 26.38
CA TYR B 95 -7.76 -4.28 26.90
C TYR B 95 -6.81 -4.71 28.02
N THR B 96 -5.69 -4.02 28.18
CA THR B 96 -4.66 -4.56 29.06
C THR B 96 -4.35 -3.71 30.28
N LEU B 97 -4.97 -2.53 30.36
CA LEU B 97 -4.67 -1.58 31.45
C LEU B 97 -4.97 -2.06 32.86
N ARG B 98 -5.84 -3.06 32.98
CA ARG B 98 -6.16 -3.64 34.30
C ARG B 98 -4.92 -4.23 34.95
N GLU B 99 -3.81 -4.19 34.22
CA GLU B 99 -2.55 -4.71 34.73
C GLU B 99 -2.05 -3.88 35.93
N LEU B 100 -2.50 -2.63 36.00
CA LEU B 100 -2.09 -1.73 37.06
C LEU B 100 -2.93 -1.89 38.31
N LYS B 101 -4.09 -2.52 38.16
CA LYS B 101 -5.06 -2.63 39.25
C LYS B 101 -4.47 -3.42 40.42
N GLU B 102 -3.53 -4.32 40.13
CA GLU B 102 -2.97 -5.17 41.16
C GLU B 102 -1.84 -4.56 41.98
N VAL B 103 -0.97 -3.79 41.32
CA VAL B 103 0.29 -3.34 41.92
C VAL B 103 0.15 -2.23 42.97
N GLU B 104 1.25 -2.00 43.71
CA GLU B 104 1.29 -1.05 44.83
C GLU B 104 1.53 0.39 44.38
N SER B 105 1.17 1.34 45.24
CA SER B 105 1.48 2.74 45.03
C SER B 105 2.94 2.93 44.62
N PHE B 106 3.19 3.94 43.78
CA PHE B 106 4.56 4.31 43.43
C PHE B 106 5.01 5.53 44.24
N LEU B 107 4.19 5.94 45.20
CA LEU B 107 4.55 7.01 46.11
C LEU B 107 4.94 6.43 47.47
N PRO B 108 5.98 6.99 48.11
CA PRO B 108 6.75 8.17 47.68
C PRO B 108 7.74 7.84 46.58
N LEU B 109 8.27 8.87 45.92
CA LEU B 109 9.23 8.69 44.83
C LEU B 109 10.63 8.32 45.31
N ASN B 110 10.73 7.25 46.09
CA ASN B 110 12.04 6.78 46.53
C ASN B 110 12.67 5.86 45.47
N GLU B 111 13.91 5.45 45.72
CA GLU B 111 14.70 4.70 44.75
C GLU B 111 14.05 3.37 44.39
N THR B 112 13.38 2.78 45.36
CA THR B 112 12.72 1.49 45.17
C THR B 112 11.51 1.60 44.23
N ASN B 113 10.67 2.59 44.48
CA ASN B 113 9.49 2.82 43.65
C ASN B 113 9.82 3.32 42.24
N LEU B 114 10.97 3.98 42.09
CA LEU B 114 11.43 4.42 40.78
C LEU B 114 11.73 3.23 39.90
N GLU B 115 12.52 2.30 40.42
CA GLU B 115 12.83 1.12 39.66
C GLU B 115 11.57 0.32 39.36
N ARG B 116 10.68 0.19 40.35
CA ARG B 116 9.41 -0.51 40.14
C ARG B 116 8.63 0.10 38.97
N ALA B 117 8.64 1.42 38.89
CA ALA B 117 7.90 2.15 37.87
C ALA B 117 8.51 1.94 36.49
N ARG B 118 9.79 1.58 36.43
CA ARG B 118 10.43 1.33 35.13
C ARG B 118 9.84 0.17 34.37
N GLU B 119 9.15 -0.73 35.07
CA GLU B 119 8.57 -1.87 34.38
C GLU B 119 7.38 -1.46 33.52
N PHE B 120 6.83 -0.29 33.78
CA PHE B 120 5.67 0.18 33.04
C PHE B 120 6.04 1.37 32.18
N LEU B 121 7.18 1.99 32.45
CA LEU B 121 7.54 3.24 31.81
C LEU B 121 8.93 3.22 31.21
N VAL B 122 9.06 3.89 30.07
CA VAL B 122 10.35 4.13 29.47
C VAL B 122 10.94 5.37 30.13
N PHE B 123 12.13 5.23 30.71
CA PHE B 123 12.83 6.36 31.31
C PHE B 123 13.79 7.00 30.28
N VAL B 124 13.87 8.32 30.26
CA VAL B 124 14.82 8.99 29.39
C VAL B 124 15.95 9.61 30.19
N ASP B 125 16.80 10.39 29.52
CA ASP B 125 18.01 10.92 30.12
C ASP B 125 17.75 12.30 30.71
N ASN B 126 16.79 12.34 31.62
CA ASN B 126 16.50 13.49 32.44
C ASN B 126 15.63 13.04 33.62
N GLU B 127 16.15 13.26 34.82
CA GLU B 127 15.55 12.79 36.06
C GLU B 127 14.22 13.46 36.37
N LYS B 128 14.07 14.71 35.95
CA LYS B 128 12.84 15.44 36.20
C LYS B 128 11.68 14.90 35.34
N VAL B 129 11.97 14.60 34.07
CA VAL B 129 10.98 14.04 33.18
C VAL B 129 10.47 12.72 33.74
N ASN B 130 11.40 11.83 34.07
CA ASN B 130 11.07 10.53 34.60
C ASN B 130 10.19 10.66 35.84
N ALA B 131 10.47 11.65 36.68
CA ALA B 131 9.71 11.82 37.91
C ALA B 131 8.27 12.18 37.59
N MET B 132 8.06 13.04 36.59
CA MET B 132 6.72 13.37 36.11
C MET B 132 6.00 12.17 35.50
N SER B 133 6.75 11.35 34.75
CA SER B 133 6.17 10.14 34.17
C SER B 133 5.62 9.26 35.26
N VAL B 134 6.39 9.11 36.34
CA VAL B 134 5.97 8.29 37.47
C VAL B 134 4.75 8.85 38.19
N LEU B 135 4.68 10.18 38.29
CA LEU B 135 3.50 10.83 38.85
C LEU B 135 2.25 10.61 38.00
N ALA B 136 2.42 10.64 36.67
CA ALA B 136 1.32 10.36 35.75
C ALA B 136 0.94 8.89 35.89
N LEU B 137 1.94 8.04 36.04
CA LEU B 137 1.68 6.62 36.21
C LEU B 137 0.86 6.35 37.49
N GLU B 138 1.21 7.03 38.58
CA GLU B 138 0.51 6.81 39.84
C GLU B 138 -0.95 7.31 39.78
N ASN B 139 -1.17 8.47 39.18
CA ASN B 139 -2.54 8.93 38.91
C ASN B 139 -3.36 7.95 38.05
N LEU B 140 -2.73 7.32 37.05
CA LEU B 140 -3.40 6.32 36.23
C LEU B 140 -3.77 5.11 37.07
N ARG B 141 -2.84 4.63 37.89
CA ARG B 141 -3.08 3.51 38.81
C ARG B 141 -4.24 3.84 39.75
N VAL B 142 -4.26 5.06 40.25
CA VAL B 142 -5.34 5.50 41.12
C VAL B 142 -6.70 5.47 40.43
N LEU B 143 -6.77 6.01 39.22
CA LEU B 143 -8.00 5.96 38.45
C LEU B 143 -8.51 4.53 38.29
N LEU B 144 -7.59 3.61 38.04
CA LEU B 144 -7.96 2.24 37.70
C LEU B 144 -8.24 1.39 38.92
N SER B 145 -7.59 1.71 40.04
CA SER B 145 -7.59 0.81 41.18
C SER B 145 -8.48 1.33 42.30
N GLU B 146 -8.39 2.62 42.57
CA GLU B 146 -9.18 3.21 43.61
C GLU B 146 -10.58 3.60 43.13
N HIS B 147 -10.72 3.91 41.84
CA HIS B 147 -12.01 4.34 41.32
C HIS B 147 -12.62 3.37 40.32
N ASN B 148 -11.85 2.36 39.92
CA ASN B 148 -12.35 1.35 39.03
C ASN B 148 -12.91 1.94 37.72
N ILE B 149 -12.26 2.98 37.21
CA ILE B 149 -12.68 3.60 35.98
C ILE B 149 -12.32 2.64 34.86
N LYS B 150 -13.16 2.57 33.83
CA LYS B 150 -12.88 1.71 32.67
C LYS B 150 -11.63 2.13 31.89
N ASN B 151 -10.95 1.13 31.33
CA ASN B 151 -9.77 1.35 30.48
C ASN B 151 -9.95 2.46 29.44
N ASP B 152 -11.10 2.47 28.76
CA ASP B 152 -11.36 3.41 27.67
C ASP B 152 -11.35 4.86 28.11
N LEU B 153 -11.72 5.11 29.37
CA LEU B 153 -11.66 6.44 29.91
C LEU B 153 -10.27 6.71 30.50
N ALA B 154 -9.74 5.75 31.25
CA ALA B 154 -8.52 5.98 32.00
C ALA B 154 -7.31 6.25 31.09
N LYS B 155 -7.28 5.57 29.94
CA LYS B 155 -6.16 5.65 29.01
C LYS B 155 -5.84 7.10 28.64
N TYR B 156 -6.82 7.98 28.79
CA TYR B 156 -6.65 9.39 28.49
C TYR B 156 -5.66 10.09 29.43
N ALA B 157 -5.46 9.52 30.61
CA ALA B 157 -4.50 10.07 31.58
C ALA B 157 -3.18 9.34 31.52
N MET B 158 -3.00 8.51 30.51
CA MET B 158 -1.78 7.73 30.38
C MET B 158 -0.67 8.59 29.74
N PRO B 159 0.55 8.51 30.29
CA PRO B 159 1.70 9.24 29.72
C PRO B 159 2.32 8.49 28.54
N GLU B 160 2.90 9.25 27.63
CA GLU B 160 3.44 8.65 26.43
C GLU B 160 4.69 7.79 26.67
N SER B 161 5.25 7.89 27.87
CA SER B 161 6.37 7.05 28.26
C SER B 161 5.91 5.64 28.60
N TYR B 162 4.61 5.41 28.61
CA TYR B 162 4.10 4.10 28.98
C TYR B 162 4.58 3.04 27.99
N LYS B 163 5.03 1.91 28.52
CA LYS B 163 5.60 0.88 27.67
C LYS B 163 4.55 0.12 26.88
N THR B 164 4.86 -0.19 25.62
CA THR B 164 4.03 -1.07 24.83
C THR B 164 4.85 -2.31 24.45
N HIS B 165 4.22 -3.22 23.72
CA HIS B 165 4.83 -4.48 23.32
C HIS B 165 4.16 -4.89 22.02
N LEU B 166 4.95 -5.28 21.03
CA LEU B 166 4.38 -5.59 19.74
C LEU B 166 5.10 -6.67 18.93
N ALA B 167 4.34 -7.25 18.02
CA ALA B 167 4.87 -8.11 16.98
C ALA B 167 4.88 -7.27 15.71
N TYR B 168 5.97 -7.36 14.97
CA TYR B 168 6.19 -6.46 13.87
C TYR B 168 6.87 -7.21 12.75
N SER B 169 6.26 -7.17 11.58
CA SER B 169 6.75 -7.86 10.41
C SER B 169 6.93 -6.88 9.28
N ILE B 170 7.98 -7.07 8.48
CA ILE B 170 8.38 -6.08 7.51
C ILE B 170 9.27 -6.72 6.46
N ASN B 171 9.10 -6.32 5.20
CA ASN B 171 9.97 -6.85 4.17
C ASN B 171 11.29 -6.05 4.07
N ALA B 172 12.27 -6.61 3.37
CA ALA B 172 13.60 -6.02 3.40
C ALA B 172 13.64 -4.63 2.77
N ARG B 173 12.83 -4.40 1.74
CA ARG B 173 12.84 -3.12 1.06
C ARG B 173 12.30 -2.05 2.00
N SER B 174 11.17 -2.34 2.62
CA SER B 174 10.59 -1.40 3.57
C SER B 174 11.50 -1.25 4.80
N LEU B 175 12.15 -2.33 5.23
CA LEU B 175 13.06 -2.27 6.39
C LEU B 175 14.28 -1.39 6.11
N GLN B 176 14.75 -1.40 4.88
CA GLN B 176 15.84 -0.49 4.50
C GLN B 176 15.42 0.98 4.65
N ASN B 177 14.21 1.27 4.17
CA ASN B 177 13.63 2.59 4.32
C ASN B 177 13.51 3.01 5.79
N LEU B 178 12.90 2.14 6.59
CA LEU B 178 12.73 2.39 8.00
C LEU B 178 14.08 2.71 8.67
N LEU B 179 15.07 1.85 8.45
CA LEU B 179 16.42 2.03 9.01
C LEU B 179 17.11 3.30 8.54
N THR B 180 16.95 3.65 7.27
CA THR B 180 17.53 4.89 6.77
C THR B 180 16.90 6.10 7.46
N LEU B 181 15.58 6.09 7.60
CA LEU B 181 14.88 7.26 8.13
C LEU B 181 15.08 7.46 9.64
N ARG B 182 15.20 6.36 10.37
CA ARG B 182 15.15 6.42 11.84
C ARG B 182 16.53 6.28 12.52
N SER B 183 17.59 6.06 11.74
CA SER B 183 18.96 6.05 12.27
C SER B 183 19.59 7.43 12.08
N SER B 184 18.84 8.31 11.44
CA SER B 184 19.32 9.65 11.16
C SER B 184 19.44 10.43 12.45
N ASN B 185 20.30 11.44 12.45
CA ASN B 185 20.48 12.33 13.60
C ASN B 185 19.20 13.10 13.88
N LYS B 186 18.38 13.29 12.87
CA LYS B 186 17.13 14.03 13.04
C LYS B 186 16.00 13.19 13.66
N ALA B 187 16.17 11.88 13.76
CA ALA B 187 15.17 11.04 14.40
C ALA B 187 15.26 11.11 15.91
N LEU B 188 14.13 10.87 16.56
CA LEU B 188 14.04 10.79 18.01
C LEU B 188 15.01 9.74 18.56
N LYS B 189 15.61 10.02 19.71
CA LYS B 189 16.63 9.14 20.27
C LYS B 189 16.16 7.68 20.42
N GLU B 190 14.95 7.50 20.96
CA GLU B 190 14.39 6.14 21.08
C GLU B 190 14.26 5.42 19.72
N MET B 191 13.93 6.17 18.67
CA MET B 191 13.78 5.57 17.34
C MET B 191 15.14 5.19 16.72
N GLN B 192 16.16 6.01 16.95
CA GLN B 192 17.51 5.68 16.53
C GLN B 192 17.92 4.37 17.22
N ASP B 193 17.63 4.30 18.51
CA ASP B 193 17.87 3.09 19.29
C ASP B 193 17.10 1.86 18.77
N LEU B 194 15.81 2.01 18.48
CA LEU B 194 15.07 0.93 17.79
C LEU B 194 15.74 0.51 16.46
N ALA B 195 16.23 1.47 15.69
CA ALA B 195 16.84 1.13 14.39
C ALA B 195 18.05 0.19 14.56
N LYS B 196 18.96 0.61 15.45
CA LYS B 196 20.13 -0.20 15.79
C LYS B 196 19.74 -1.59 16.30
N ALA B 197 18.76 -1.65 17.21
CA ALA B 197 18.30 -2.94 17.72
C ALA B 197 17.64 -3.85 16.66
N LEU B 198 16.88 -3.29 15.73
CA LEU B 198 16.31 -4.12 14.69
C LEU B 198 17.44 -4.72 13.89
N PHE B 199 18.41 -3.87 13.54
CA PHE B 199 19.54 -4.29 12.71
C PHE B 199 20.36 -5.38 13.41
N ASP B 200 20.64 -5.15 14.69
CA ASP B 200 21.40 -6.10 15.52
C ASP B 200 20.66 -7.42 15.66
N ALA B 201 19.34 -7.40 15.55
CA ALA B 201 18.56 -8.62 15.71
C ALA B 201 18.57 -9.47 14.44
N LEU B 202 18.95 -8.87 13.31
CA LEU B 202 18.99 -9.59 12.03
C LEU B 202 20.06 -10.70 12.02
N PRO B 203 19.83 -11.76 11.23
CA PRO B 203 20.85 -12.81 11.01
C PRO B 203 22.10 -12.16 10.42
N GLY B 204 23.29 -12.56 10.85
CA GLY B 204 24.50 -11.92 10.38
C GLY B 204 24.62 -11.98 8.87
N GLU B 205 24.18 -13.10 8.31
CA GLU B 205 24.12 -13.29 6.85
C GLU B 205 23.37 -12.20 6.08
N HIS B 206 22.34 -11.63 6.69
CA HIS B 206 21.47 -10.66 6.01
C HIS B 206 21.95 -9.23 6.20
N GLN B 207 22.80 -9.01 7.21
CA GLN B 207 23.13 -7.65 7.62
C GLN B 207 23.79 -6.80 6.54
N TYR B 208 24.45 -7.44 5.57
CA TYR B 208 25.12 -6.68 4.52
C TYR B 208 24.14 -5.87 3.66
N LEU B 209 22.87 -6.31 3.60
CA LEU B 209 21.86 -5.58 2.83
C LEU B 209 21.42 -4.26 3.51
N PHE B 210 21.71 -4.12 4.81
CA PHE B 210 21.19 -3.00 5.59
C PHE B 210 22.25 -2.10 6.21
N GLU B 211 23.50 -2.56 6.26
CA GLU B 211 24.57 -1.82 6.93
C GLU B 211 24.69 -0.36 6.46
N ASP B 212 24.56 -0.12 5.16
CA ASP B 212 24.70 1.22 4.63
C ASP B 212 23.56 2.15 5.02
N CYS B 213 22.38 1.58 5.26
CA CYS B 213 21.25 2.35 5.81
C CYS B 213 21.60 3.10 7.08
N LEU B 214 22.48 2.52 7.89
CA LEU B 214 22.85 3.11 9.16
C LEU B 214 23.96 4.16 9.03
N LYS B 215 24.68 4.14 7.92
CA LYS B 215 25.73 5.15 7.66
C LYS B 215 25.09 6.46 7.24
N HIS B 216 25.42 7.54 7.94
CA HIS B 216 24.88 8.84 7.57
C HIS B 216 25.99 9.87 7.33
N PHE C 8 -3.24 -26.34 -14.92
CA PHE C 8 -2.12 -26.99 -15.60
C PHE C 8 -0.85 -26.10 -15.63
N MET C 9 -0.92 -24.91 -15.02
CA MET C 9 0.31 -24.17 -14.77
C MET C 9 0.96 -24.73 -13.50
N GLU C 10 2.26 -24.51 -13.33
CA GLU C 10 2.98 -25.12 -12.22
C GLU C 10 3.28 -24.12 -11.09
N VAL C 11 2.73 -24.39 -9.91
CA VAL C 11 2.90 -23.52 -8.74
C VAL C 11 3.59 -24.21 -7.56
N ILE C 12 4.72 -23.65 -7.15
CA ILE C 12 5.48 -24.14 -6.00
C ILE C 12 5.59 -23.13 -4.86
N CYS C 13 5.38 -23.59 -3.63
CA CYS C 13 5.62 -22.76 -2.44
C CYS C 13 7.04 -23.02 -1.94
N LYS C 14 7.94 -22.08 -2.19
CA LYS C 14 9.35 -22.25 -1.83
C LYS C 14 9.63 -22.01 -0.35
N HIS C 15 8.79 -21.20 0.31
CA HIS C 15 8.95 -20.90 1.72
C HIS C 15 7.68 -20.29 2.30
N TYR C 16 7.44 -20.61 3.55
CA TYR C 16 6.30 -20.05 4.26
C TYR C 16 6.66 -19.81 5.72
N THR C 17 5.91 -18.93 6.34
CA THR C 17 6.06 -18.58 7.74
C THR C 17 5.37 -19.59 8.64
N PRO C 18 6.05 -20.04 9.69
CA PRO C 18 5.42 -20.94 10.67
C PRO C 18 4.13 -20.35 11.21
N LEU C 19 3.11 -21.17 11.42
CA LEU C 19 1.85 -20.70 11.97
C LEU C 19 1.98 -20.04 13.33
N ASP C 20 2.96 -20.46 14.11
CA ASP C 20 3.09 -19.96 15.48
C ASP C 20 3.41 -18.47 15.50
N ILE C 21 3.81 -17.94 14.35
CA ILE C 21 4.10 -16.52 14.27
C ILE C 21 2.83 -15.67 14.36
N ALA C 22 1.74 -16.13 13.74
CA ALA C 22 0.48 -15.43 13.84
C ALA C 22 -0.20 -15.62 15.21
N SER C 23 -0.08 -16.81 15.77
CA SER C 23 -0.69 -17.01 17.09
C SER C 23 0.01 -16.11 18.13
N GLN C 24 1.33 -15.99 18.03
CA GLN C 24 2.08 -15.09 18.91
C GLN C 24 1.66 -13.63 18.71
N ALA C 25 1.56 -13.19 17.46
CA ALA C 25 1.09 -11.83 17.19
C ALA C 25 -0.29 -11.56 17.76
N ILE C 26 -1.21 -12.51 17.57
CA ILE C 26 -2.56 -12.37 18.10
C ILE C 26 -2.55 -12.20 19.62
N ARG C 27 -1.83 -13.09 20.30
CA ARG C 27 -1.73 -13.06 21.76
C ARG C 27 -1.05 -11.80 22.28
N THR C 28 -0.21 -11.18 21.46
CA THR C 28 0.48 -9.95 21.86
C THR C 28 -0.51 -8.81 22.12
N CYS C 29 -1.62 -8.79 21.38
CA CYS C 29 -2.66 -7.76 21.56
C CYS C 29 -3.30 -7.74 22.94
N TRP C 30 -3.63 -8.93 23.47
CA TRP C 30 -4.34 -9.05 24.74
C TRP C 30 -3.47 -9.45 25.93
N GLN C 31 -2.18 -9.68 25.67
CA GLN C 31 -1.26 -10.15 26.71
C GLN C 31 -1.77 -11.45 27.33
N SER C 32 -2.20 -12.37 26.46
CA SER C 32 -2.86 -13.61 26.89
C SER C 32 -2.09 -14.88 26.51
N PHE C 33 -0.77 -14.77 26.38
CA PHE C 33 0.07 -15.93 26.03
C PHE C 33 -0.06 -17.04 27.08
N GLU C 34 -0.58 -16.66 28.25
CA GLU C 34 -0.75 -17.55 29.40
C GLU C 34 -1.60 -18.81 29.11
N TYR C 35 -2.55 -18.68 28.18
CA TYR C 35 -3.44 -19.79 27.81
C TYR C 35 -2.99 -20.47 26.51
N SER C 36 -1.80 -20.11 26.03
CA SER C 36 -1.33 -20.57 24.72
C SER C 36 -0.64 -21.92 24.76
N ASP C 37 -0.50 -22.52 23.58
CA ASP C 37 0.17 -23.83 23.43
C ASP C 37 0.70 -24.04 22.00
N GLY C 39 2.03 -23.77 18.97
CA GLY C 39 0.89 -23.65 18.08
C GLY C 39 0.01 -24.89 18.09
N GLY C 40 -0.60 -25.17 19.24
CA GLY C 40 -1.41 -26.36 19.41
C GLY C 40 -2.89 -26.20 19.10
N CYS C 41 -3.73 -26.83 19.92
CA CYS C 41 -5.18 -26.81 19.71
C CYS C 41 -5.79 -25.40 19.85
N LYS C 42 -5.35 -24.66 20.85
CA LYS C 42 -5.82 -23.30 21.05
C LYS C 42 -5.33 -22.37 19.95
N ASP C 43 -4.06 -22.49 19.60
CA ASP C 43 -3.41 -21.55 18.67
C ASP C 43 -3.98 -21.60 17.25
N LYS C 44 -3.96 -22.77 16.63
CA LYS C 44 -4.43 -22.89 15.25
C LYS C 44 -5.87 -22.42 15.09
N GLU C 45 -6.73 -22.76 16.04
CA GLU C 45 -8.11 -22.30 15.97
C GLU C 45 -8.24 -20.81 16.34
N LEU C 46 -7.36 -20.35 17.23
CA LEU C 46 -7.27 -18.93 17.57
C LEU C 46 -7.01 -18.09 16.31
N ILE C 47 -6.02 -18.50 15.54
CA ILE C 47 -5.65 -17.82 14.31
C ILE C 47 -6.84 -17.74 13.36
N HIS C 48 -7.51 -18.88 13.17
CA HIS C 48 -8.66 -18.94 12.27
C HIS C 48 -9.79 -18.05 12.76
N ARG C 49 -10.07 -18.13 14.06
CA ARG C 49 -11.16 -17.34 14.64
C ARG C 49 -10.89 -15.85 14.54
N VAL C 50 -9.79 -15.41 15.14
CA VAL C 50 -9.44 -13.98 15.22
C VAL C 50 -9.10 -13.39 13.84
N GLY C 51 -8.36 -14.16 13.04
CA GLY C 51 -8.04 -13.73 11.70
C GLY C 51 -9.29 -13.38 10.92
N ASN C 52 -10.37 -14.10 11.16
CA ASN C 52 -11.62 -13.89 10.43
C ASN C 52 -12.55 -12.80 10.99
N ILE C 53 -12.14 -12.15 12.08
CA ILE C 53 -12.81 -10.95 12.51
C ILE C 53 -12.18 -9.81 11.72
N PHE C 54 -12.97 -9.09 10.93
CA PHE C 54 -12.38 -8.11 10.03
C PHE C 54 -11.46 -7.10 10.75
N ARG C 55 -11.88 -6.62 11.91
CA ARG C 55 -11.09 -5.66 12.68
C ARG C 55 -9.71 -6.21 13.13
N HIS C 56 -9.58 -7.54 13.19
CA HIS C 56 -8.32 -8.17 13.59
C HIS C 56 -7.68 -9.02 12.49
N SER C 57 -8.15 -8.86 11.25
CA SER C 57 -7.64 -9.69 10.15
C SER C 57 -6.18 -9.36 9.81
N SER C 58 -5.70 -8.19 10.21
CA SER C 58 -4.29 -7.81 10.01
C SER C 58 -3.28 -8.69 10.78
N THR C 59 -3.78 -9.54 11.68
CA THR C 59 -2.90 -10.49 12.36
C THR C 59 -2.38 -11.54 11.38
N LEU C 60 -3.11 -11.73 10.29
CA LEU C 60 -2.78 -12.70 9.26
C LEU C 60 -1.65 -12.21 8.38
N GLU C 61 -1.41 -10.91 8.40
CA GLU C 61 -0.38 -10.31 7.57
C GLU C 61 1.04 -10.73 7.98
N HIS C 62 1.17 -11.37 9.15
CA HIS C 62 2.47 -11.80 9.62
C HIS C 62 2.93 -13.06 8.92
N LEU C 63 1.98 -13.79 8.33
CA LEU C 63 2.25 -15.00 7.58
C LEU C 63 2.57 -14.66 6.13
N TYR C 64 3.73 -15.06 5.66
CA TYR C 64 4.19 -14.70 4.33
C TYR C 64 4.52 -15.96 3.52
N TYR C 65 4.17 -15.94 2.23
CA TYR C 65 4.37 -17.10 1.35
C TYR C 65 5.16 -16.72 0.11
N ASN C 66 6.25 -17.42 -0.11
CA ASN C 66 7.02 -17.23 -1.35
C ASN C 66 6.72 -18.33 -2.37
N PHE C 67 6.09 -17.98 -3.48
CA PHE C 67 5.75 -18.94 -4.53
C PHE C 67 6.59 -18.80 -5.76
N GLU C 68 6.72 -19.88 -6.52
CA GLU C 68 7.14 -19.77 -7.90
C GLU C 68 5.98 -20.19 -8.83
N ILE C 69 5.68 -19.39 -9.85
CA ILE C 69 4.64 -19.72 -10.82
C ILE C 69 5.26 -19.89 -12.21
N LYS C 70 5.02 -21.02 -12.84
CA LYS C 70 5.58 -21.30 -14.17
C LYS C 70 4.45 -21.65 -15.14
N GLY C 71 4.53 -21.13 -16.36
CA GLY C 71 3.50 -21.42 -17.34
C GLY C 71 2.19 -20.64 -17.24
N LEU C 72 2.26 -19.43 -16.71
CA LEU C 72 1.11 -18.53 -16.69
C LEU C 72 1.11 -17.68 -17.98
N SER C 73 -0.06 -17.40 -18.55
CA SER C 73 -0.10 -16.55 -19.74
C SER C 73 0.17 -15.06 -19.44
N ARG C 74 0.66 -14.32 -20.43
CA ARG C 74 0.78 -12.88 -20.28
C ARG C 74 -0.59 -12.29 -19.99
N GLY C 75 -1.63 -12.83 -20.64
CA GLY C 75 -2.99 -12.40 -20.40
C GLY C 75 -3.44 -12.49 -18.94
N ALA C 76 -3.18 -13.63 -18.30
CA ALA C 76 -3.49 -13.82 -16.88
C ALA C 76 -2.57 -12.96 -16.01
N LEU C 77 -1.37 -12.68 -16.51
CA LEU C 77 -0.45 -11.81 -15.80
C LEU C 77 -1.05 -10.42 -15.63
N GLN C 78 -1.69 -9.90 -16.67
CA GLN C 78 -2.30 -8.57 -16.61
C GLN C 78 -3.20 -8.50 -15.39
N GLU C 79 -3.94 -9.58 -15.17
CA GLU C 79 -4.94 -9.63 -14.09
C GLU C 79 -4.28 -9.83 -12.74
N LEU C 80 -3.35 -10.77 -12.67
CA LEU C 80 -2.64 -11.02 -11.43
C LEU C 80 -1.92 -9.76 -10.94
N SER C 81 -1.34 -9.00 -11.87
CA SER C 81 -0.66 -7.75 -11.53
C SER C 81 -1.57 -6.73 -10.87
N ARG C 82 -2.87 -6.91 -10.97
CA ARG C 82 -3.79 -5.93 -10.41
C ARG C 82 -3.88 -6.05 -8.89
N HIS C 83 -3.44 -7.18 -8.34
CA HIS C 83 -3.33 -7.32 -6.90
C HIS C 83 -2.04 -6.69 -6.41
N ARG C 84 -2.20 -5.52 -5.81
CA ARG C 84 -1.11 -4.60 -5.55
C ARG C 84 -0.42 -4.89 -4.22
N ILE C 85 -1.09 -5.64 -3.36
CA ILE C 85 -0.51 -5.99 -2.07
C ILE C 85 0.12 -7.37 -2.18
N ALA C 86 1.23 -7.40 -2.90
CA ALA C 86 1.97 -8.60 -3.24
C ALA C 86 3.25 -8.12 -3.91
N SER C 87 4.23 -9.01 -4.01
CA SER C 87 5.47 -8.74 -4.69
C SER C 87 5.69 -9.75 -5.80
N LEU C 88 6.08 -9.27 -6.97
CA LEU C 88 6.26 -10.08 -8.16
C LEU C 88 7.59 -9.78 -8.78
N SER C 89 8.27 -10.82 -9.27
CA SER C 89 9.46 -10.67 -10.09
C SER C 89 9.24 -11.52 -11.33
N VAL C 90 9.14 -10.86 -12.47
CA VAL C 90 8.65 -11.52 -13.68
C VAL C 90 9.71 -11.55 -14.76
N LYS C 91 9.81 -12.72 -15.40
CA LYS C 91 10.59 -12.91 -16.64
C LYS C 91 10.29 -11.80 -17.64
N SER C 92 11.32 -11.06 -18.04
CA SER C 92 11.13 -9.91 -18.93
C SER C 92 11.14 -10.29 -20.41
N SER C 93 10.08 -9.95 -21.13
CA SER C 93 10.03 -10.24 -22.56
C SER C 93 11.01 -9.35 -23.31
N ARG C 94 11.31 -8.18 -22.75
CA ARG C 94 12.24 -7.23 -23.36
C ARG C 94 13.69 -7.74 -23.40
N TYR C 95 13.98 -8.81 -22.65
CA TYR C 95 15.35 -9.34 -22.58
C TYR C 95 15.46 -10.84 -22.92
N THR C 96 14.39 -11.60 -22.70
CA THR C 96 14.46 -13.06 -22.82
C THR C 96 13.86 -13.59 -24.11
N LEU C 97 13.22 -12.73 -24.89
CA LEU C 97 12.58 -13.15 -26.14
C LEU C 97 13.55 -13.82 -27.14
N ARG C 98 14.85 -13.62 -26.93
CA ARG C 98 15.90 -14.26 -27.73
C ARG C 98 15.78 -15.78 -27.68
N GLU C 99 14.99 -16.27 -26.72
CA GLU C 99 14.73 -17.70 -26.60
C GLU C 99 14.13 -18.34 -27.86
N LEU C 100 13.48 -17.53 -28.70
CA LEU C 100 12.80 -18.03 -29.88
C LEU C 100 13.72 -18.06 -31.09
N LYS C 101 14.85 -17.36 -30.98
CA LYS C 101 15.75 -17.20 -32.10
C LYS C 101 16.28 -18.54 -32.63
N GLU C 102 16.29 -19.56 -31.77
CA GLU C 102 16.86 -20.87 -32.13
C GLU C 102 15.88 -21.90 -32.73
N VAL C 103 14.65 -21.94 -32.23
CA VAL C 103 13.73 -23.02 -32.60
C VAL C 103 13.34 -23.02 -34.08
N GLU C 104 12.95 -24.19 -34.57
CA GLU C 104 12.50 -24.35 -35.95
C GLU C 104 11.12 -23.73 -36.14
N SER C 105 10.70 -23.61 -37.39
CA SER C 105 9.37 -23.08 -37.72
C SER C 105 8.27 -23.91 -37.04
N PHE C 106 7.16 -23.25 -36.74
CA PHE C 106 6.01 -23.94 -36.15
C PHE C 106 4.99 -24.32 -37.21
N LEU C 107 5.28 -23.91 -38.45
CA LEU C 107 4.44 -24.24 -39.59
C LEU C 107 5.09 -25.37 -40.39
N PRO C 108 4.27 -26.23 -41.01
CA PRO C 108 2.80 -26.16 -40.96
C PRO C 108 2.22 -26.59 -39.62
N LEU C 109 0.97 -26.21 -39.37
CA LEU C 109 0.26 -26.65 -38.18
C LEU C 109 -0.05 -28.13 -38.29
N ASN C 110 0.57 -28.93 -37.43
CA ASN C 110 0.25 -30.35 -37.32
C ASN C 110 0.35 -30.73 -35.86
N GLU C 111 -0.06 -31.95 -35.53
CA GLU C 111 -0.09 -32.41 -34.15
C GLU C 111 1.28 -32.24 -33.47
N THR C 112 2.35 -32.42 -34.23
CA THR C 112 3.71 -32.34 -33.68
C THR C 112 4.13 -30.91 -33.36
N ASN C 113 3.86 -29.99 -34.29
CA ASN C 113 4.24 -28.61 -34.12
C ASN C 113 3.34 -27.87 -33.13
N LEU C 114 2.11 -28.33 -33.00
CA LEU C 114 1.19 -27.79 -32.03
C LEU C 114 1.73 -28.12 -30.65
N GLU C 115 2.22 -29.34 -30.50
CA GLU C 115 2.82 -29.76 -29.25
C GLU C 115 4.05 -28.91 -28.92
N ARG C 116 4.91 -28.68 -29.91
CA ARG C 116 6.11 -27.85 -29.73
C ARG C 116 5.76 -26.41 -29.35
N ALA C 117 4.70 -25.87 -29.94
CA ALA C 117 4.28 -24.49 -29.65
C ALA C 117 3.81 -24.32 -28.21
N ARG C 118 3.34 -25.40 -27.60
CA ARG C 118 2.94 -25.37 -26.19
C ARG C 118 4.07 -25.04 -25.23
N GLU C 119 5.30 -25.30 -25.62
CA GLU C 119 6.44 -24.92 -24.79
C GLU C 119 6.38 -23.42 -24.49
N PHE C 120 5.80 -22.66 -25.42
CA PHE C 120 5.84 -21.20 -25.37
C PHE C 120 4.46 -20.56 -25.17
N LEU C 121 3.39 -21.32 -25.33
CA LEU C 121 2.05 -20.74 -25.28
C LEU C 121 1.15 -21.52 -24.35
N VAL C 122 0.20 -20.82 -23.75
CA VAL C 122 -0.87 -21.45 -22.98
C VAL C 122 -2.03 -21.72 -23.94
N PHE C 123 -2.47 -22.98 -24.06
CA PHE C 123 -3.63 -23.32 -24.89
C PHE C 123 -4.91 -23.33 -24.06
N VAL C 124 -6.00 -22.88 -24.68
CA VAL C 124 -7.30 -22.85 -24.03
C VAL C 124 -8.23 -23.88 -24.66
N ASP C 125 -9.47 -23.92 -24.24
CA ASP C 125 -10.40 -24.89 -24.77
C ASP C 125 -11.06 -24.51 -26.08
N ASN C 126 -10.27 -24.28 -27.11
CA ASN C 126 -10.73 -24.14 -28.46
C ASN C 126 -9.55 -24.33 -29.40
N GLU C 127 -9.62 -25.24 -30.35
CA GLU C 127 -8.50 -25.45 -31.26
C GLU C 127 -8.25 -24.28 -32.15
N LYS C 128 -9.29 -23.60 -32.55
CA LYS C 128 -9.18 -22.48 -33.48
C LYS C 128 -8.39 -21.31 -32.88
N VAL C 129 -8.69 -20.98 -31.63
CA VAL C 129 -7.89 -20.00 -30.88
C VAL C 129 -6.44 -20.45 -30.78
N ASN C 130 -6.24 -21.68 -30.36
CA ASN C 130 -4.89 -22.22 -30.20
C ASN C 130 -4.08 -22.13 -31.51
N ALA C 131 -4.73 -22.40 -32.64
CA ALA C 131 -4.07 -22.31 -33.94
C ALA C 131 -3.62 -20.88 -34.23
N MET C 132 -4.51 -19.92 -33.99
CA MET C 132 -4.17 -18.50 -34.12
C MET C 132 -3.03 -18.07 -33.19
N SER C 133 -2.97 -18.62 -31.98
CA SER C 133 -1.85 -18.30 -31.10
C SER C 133 -0.54 -18.75 -31.74
N VAL C 134 -0.55 -19.94 -32.31
CA VAL C 134 0.65 -20.49 -32.96
C VAL C 134 1.05 -19.65 -34.18
N LEU C 135 0.06 -19.20 -34.94
CA LEU C 135 0.33 -18.34 -36.07
C LEU C 135 1.05 -17.08 -35.61
N ALA C 136 0.56 -16.48 -34.52
CA ALA C 136 1.19 -15.28 -34.00
C ALA C 136 2.57 -15.59 -33.43
N LEU C 137 2.69 -16.75 -32.78
CA LEU C 137 4.00 -17.17 -32.30
C LEU C 137 5.00 -17.30 -33.44
N GLU C 138 4.58 -17.93 -34.54
CA GLU C 138 5.47 -18.11 -35.69
C GLU C 138 5.91 -16.79 -36.31
N ASN C 139 4.98 -15.85 -36.44
CA ASN C 139 5.34 -14.52 -36.91
C ASN C 139 6.33 -13.83 -35.99
N LEU C 140 6.07 -13.91 -34.70
CA LEU C 140 7.00 -13.40 -33.70
C LEU C 140 8.39 -14.01 -33.89
N ARG C 141 8.44 -15.31 -34.12
CA ARG C 141 9.71 -16.01 -34.33
C ARG C 141 10.44 -15.51 -35.57
N VAL C 142 9.69 -15.20 -36.61
CA VAL C 142 10.28 -14.70 -37.85
C VAL C 142 10.91 -13.33 -37.66
N LEU C 143 10.19 -12.42 -37.03
CA LEU C 143 10.68 -11.08 -36.74
C LEU C 143 12.01 -11.15 -36.01
N LEU C 144 12.12 -12.09 -35.09
CA LEU C 144 13.29 -12.22 -34.26
C LEU C 144 14.47 -12.92 -34.95
N SER C 145 14.19 -14.01 -35.65
CA SER C 145 15.24 -14.86 -36.21
C SER C 145 15.65 -14.45 -37.62
N GLU C 146 14.68 -14.18 -38.47
CA GLU C 146 14.97 -13.88 -39.86
C GLU C 146 15.22 -12.39 -40.10
N HIS C 147 14.57 -11.54 -39.31
CA HIS C 147 14.71 -10.11 -39.53
C HIS C 147 15.58 -9.47 -38.46
N ASN C 148 16.00 -10.28 -37.49
CA ASN C 148 16.85 -9.79 -36.42
C ASN C 148 16.35 -8.48 -35.76
N ILE C 149 15.05 -8.39 -35.53
CA ILE C 149 14.45 -7.20 -34.91
C ILE C 149 14.59 -7.22 -33.39
N LYS C 150 14.92 -6.09 -32.78
CA LYS C 150 15.08 -6.01 -31.33
C LYS C 150 13.83 -6.40 -30.53
N ASN C 151 14.04 -6.99 -29.35
CA ASN C 151 12.95 -7.41 -28.47
C ASN C 151 11.91 -6.32 -28.23
N ASP C 152 12.40 -5.09 -28.04
CA ASP C 152 11.53 -3.97 -27.68
C ASP C 152 10.51 -3.64 -28.78
N LEU C 153 10.83 -3.96 -30.02
CA LEU C 153 9.89 -3.75 -31.12
C LEU C 153 9.07 -5.00 -31.36
N ALA C 154 9.74 -6.14 -31.33
CA ALA C 154 9.09 -7.40 -31.67
C ALA C 154 8.00 -7.80 -30.67
N LYS C 155 8.17 -7.46 -29.39
CA LYS C 155 7.21 -7.82 -28.36
C LYS C 155 5.79 -7.35 -28.67
N TYR C 156 5.66 -6.32 -29.49
CA TYR C 156 4.34 -5.83 -29.89
C TYR C 156 3.55 -6.83 -30.73
N ALA C 157 4.23 -7.81 -31.31
CA ALA C 157 3.54 -8.80 -32.14
C ALA C 157 3.19 -10.05 -31.32
N MET C 158 3.59 -10.03 -30.05
CA MET C 158 3.42 -11.19 -29.18
C MET C 158 1.94 -11.39 -28.79
N PRO C 159 1.48 -12.65 -28.82
CA PRO C 159 0.12 -12.95 -28.35
C PRO C 159 0.06 -13.07 -26.81
N GLU C 160 -1.09 -12.75 -26.25
CA GLU C 160 -1.27 -12.73 -24.80
C GLU C 160 -1.22 -14.13 -24.19
N SER C 161 -1.25 -15.16 -25.03
CA SER C 161 -1.14 -16.53 -24.53
C SER C 161 0.31 -16.90 -24.31
N TYR C 162 1.23 -16.02 -24.67
CA TYR C 162 2.65 -16.29 -24.43
C TYR C 162 2.91 -16.58 -22.95
N LYS C 163 3.76 -17.56 -22.69
CA LYS C 163 3.99 -17.96 -21.32
C LYS C 163 4.98 -17.09 -20.58
N THR C 164 4.74 -16.94 -19.28
CA THR C 164 5.62 -16.17 -18.44
C THR C 164 6.00 -17.05 -17.25
N HIS C 165 7.00 -16.61 -16.51
CA HIS C 165 7.53 -17.29 -15.35
C HIS C 165 7.77 -16.21 -14.27
N LEU C 166 7.34 -16.45 -13.04
CA LEU C 166 7.53 -15.45 -11.98
C LEU C 166 7.69 -16.00 -10.59
N ALA C 167 8.41 -15.24 -9.76
CA ALA C 167 8.38 -15.37 -8.32
C ALA C 167 7.32 -14.44 -7.72
N TYR C 168 6.59 -14.96 -6.74
CA TYR C 168 5.41 -14.27 -6.23
C TYR C 168 5.30 -14.41 -4.71
N SER C 169 5.36 -13.27 -4.01
CA SER C 169 5.32 -13.28 -2.57
C SER C 169 4.13 -12.49 -2.06
N ILE C 170 3.45 -13.01 -1.05
CA ILE C 170 2.18 -12.46 -0.63
C ILE C 170 1.88 -12.93 0.82
N ASN C 171 1.23 -12.09 1.61
CA ASN C 171 0.86 -12.47 2.96
C ASN C 171 -0.52 -13.11 3.02
N ALA C 172 -0.80 -13.81 4.10
CA ALA C 172 -2.06 -14.59 4.21
C ALA C 172 -3.29 -13.74 3.98
N ARG C 173 -3.29 -12.53 4.52
CA ARG C 173 -4.46 -11.67 4.40
C ARG C 173 -4.72 -11.31 2.93
N SER C 174 -3.67 -10.93 2.23
CA SER C 174 -3.81 -10.58 0.83
C SER C 174 -4.12 -11.82 -0.03
N LEU C 175 -3.60 -12.98 0.37
CA LEU C 175 -3.87 -14.20 -0.34
C LEU C 175 -5.35 -14.62 -0.22
N GLN C 176 -5.92 -14.49 0.98
CA GLN C 176 -7.34 -14.73 1.14
C GLN C 176 -8.15 -13.89 0.13
N ASN C 177 -7.81 -12.60 0.02
CA ASN C 177 -8.48 -11.73 -0.93
C ASN C 177 -8.32 -12.24 -2.36
N LEU C 178 -7.11 -12.68 -2.68
CA LEU C 178 -6.79 -13.15 -4.01
C LEU C 178 -7.59 -14.39 -4.38
N LEU C 179 -7.60 -15.38 -3.49
CA LEU C 179 -8.37 -16.60 -3.72
C LEU C 179 -9.87 -16.35 -3.80
N THR C 180 -10.40 -15.47 -2.96
CA THR C 180 -11.83 -15.19 -2.99
C THR C 180 -12.24 -14.57 -4.32
N LEU C 181 -11.47 -13.56 -4.75
CA LEU C 181 -11.80 -12.84 -5.95
C LEU C 181 -11.61 -13.68 -7.21
N ARG C 182 -10.59 -14.54 -7.21
CA ARG C 182 -10.17 -15.19 -8.45
C ARG C 182 -10.74 -16.61 -8.59
N SER C 183 -11.33 -17.12 -7.52
CA SER C 183 -11.98 -18.42 -7.57
C SER C 183 -13.48 -18.28 -7.88
N SER C 184 -13.94 -17.04 -8.00
CA SER C 184 -15.31 -16.76 -8.43
C SER C 184 -15.55 -17.33 -9.84
N ASN C 185 -16.80 -17.64 -10.15
CA ASN C 185 -17.14 -18.08 -11.50
C ASN C 185 -17.21 -16.89 -12.44
N LYS C 186 -17.10 -15.70 -11.88
CA LYS C 186 -17.01 -14.49 -12.68
C LYS C 186 -15.57 -14.24 -13.17
N ALA C 187 -14.62 -15.03 -12.69
CA ALA C 187 -13.22 -14.84 -13.07
C ALA C 187 -12.84 -15.63 -14.34
N LEU C 188 -11.83 -15.12 -15.05
CA LEU C 188 -11.21 -15.85 -16.15
C LEU C 188 -10.82 -17.24 -15.68
N LYS C 189 -11.10 -18.23 -16.53
CA LYS C 189 -10.82 -19.63 -16.23
C LYS C 189 -9.40 -19.84 -15.73
N GLU C 190 -8.43 -19.28 -16.44
CA GLU C 190 -7.02 -19.47 -16.07
C GLU C 190 -6.75 -18.98 -14.66
N MET C 191 -7.36 -17.85 -14.30
CA MET C 191 -7.21 -17.31 -12.96
C MET C 191 -7.83 -18.24 -11.90
N GLN C 192 -8.98 -18.82 -12.24
CA GLN C 192 -9.60 -19.83 -11.36
C GLN C 192 -8.64 -21.00 -11.21
N ASP C 193 -7.99 -21.39 -12.29
CA ASP C 193 -6.99 -22.47 -12.26
C ASP C 193 -5.84 -22.08 -11.34
N LEU C 194 -5.34 -20.86 -11.51
CA LEU C 194 -4.25 -20.37 -10.67
C LEU C 194 -4.63 -20.33 -9.19
N ALA C 195 -5.83 -19.84 -8.90
CA ALA C 195 -6.30 -19.80 -7.51
C ALA C 195 -6.26 -21.19 -6.87
N LYS C 196 -6.69 -22.21 -7.63
CA LYS C 196 -6.68 -23.58 -7.13
C LYS C 196 -5.24 -24.07 -6.94
N ALA C 197 -4.39 -23.79 -7.91
CA ALA C 197 -2.99 -24.19 -7.83
C ALA C 197 -2.25 -23.57 -6.65
N LEU C 198 -2.53 -22.31 -6.33
CA LEU C 198 -1.88 -21.63 -5.21
C LEU C 198 -2.32 -22.27 -3.91
N PHE C 199 -3.63 -22.46 -3.78
CA PHE C 199 -4.18 -23.15 -2.63
C PHE C 199 -3.53 -24.52 -2.46
N ASP C 200 -3.49 -25.31 -3.53
CA ASP C 200 -2.90 -26.64 -3.49
C ASP C 200 -1.41 -26.64 -3.12
N ALA C 201 -0.69 -25.60 -3.52
CA ALA C 201 0.72 -25.52 -3.19
C ALA C 201 0.97 -25.15 -1.71
N LEU C 202 -0.05 -24.64 -1.03
CA LEU C 202 0.09 -24.30 0.39
C LEU C 202 0.38 -25.53 1.23
N PRO C 203 1.18 -25.37 2.30
CA PRO C 203 1.42 -26.49 3.19
C PRO C 203 0.10 -26.91 3.80
N GLY C 204 -0.07 -28.20 4.05
CA GLY C 204 -1.34 -28.71 4.52
C GLY C 204 -1.83 -28.02 5.79
N GLU C 205 -0.92 -27.80 6.72
CA GLU C 205 -1.28 -27.20 8.01
C GLU C 205 -1.90 -25.80 7.88
N HIS C 206 -1.57 -25.08 6.81
CA HIS C 206 -2.09 -23.71 6.63
C HIS C 206 -3.41 -23.67 5.88
N GLN C 207 -3.76 -24.75 5.20
CA GLN C 207 -4.86 -24.71 4.25
C GLN C 207 -6.21 -24.35 4.85
N TYR C 208 -6.47 -24.77 6.07
CA TYR C 208 -7.76 -24.48 6.70
C TYR C 208 -8.03 -22.98 6.78
N LEU C 209 -6.96 -22.19 6.70
CA LEU C 209 -7.12 -20.73 6.68
C LEU C 209 -7.70 -20.20 5.36
N PHE C 210 -7.63 -20.99 4.28
CA PHE C 210 -7.99 -20.45 2.97
C PHE C 210 -9.12 -21.17 2.25
N GLU C 211 -9.41 -22.40 2.64
CA GLU C 211 -10.34 -23.26 1.93
C GLU C 211 -11.73 -22.65 1.75
N ASP C 212 -12.18 -21.92 2.76
CA ASP C 212 -13.46 -21.24 2.69
C ASP C 212 -13.50 -20.16 1.61
N CYS C 213 -12.34 -19.59 1.30
CA CYS C 213 -12.24 -18.54 0.29
C CYS C 213 -12.66 -19.04 -1.08
N LEU C 214 -12.47 -20.34 -1.31
CA LEU C 214 -12.75 -20.94 -2.61
C LEU C 214 -14.23 -21.29 -2.75
N LYS C 215 -14.94 -21.29 -1.63
CA LYS C 215 -16.34 -21.69 -1.59
C LYS C 215 -17.29 -20.53 -1.81
N HIS C 216 -17.96 -20.56 -2.95
CA HIS C 216 -19.00 -19.59 -3.25
C HIS C 216 -20.32 -20.35 -3.45
N MET D 9 -1.15 8.81 -28.96
CA MET D 9 -1.43 8.45 -27.58
C MET D 9 -1.87 9.67 -26.78
N GLU D 10 -3.06 9.58 -26.19
CA GLU D 10 -3.74 10.75 -25.68
C GLU D 10 -3.90 10.73 -24.16
N VAL D 11 -3.29 11.71 -23.50
CA VAL D 11 -3.33 11.82 -22.05
C VAL D 11 -3.91 13.16 -21.64
N ILE D 12 -4.99 13.11 -20.85
CA ILE D 12 -5.66 14.29 -20.35
C ILE D 12 -5.75 14.28 -18.82
N CYS D 13 -5.51 15.43 -18.19
CA CYS D 13 -5.71 15.56 -16.75
C CYS D 13 -7.10 16.10 -16.48
N LYS D 14 -8.01 15.21 -16.07
CA LYS D 14 -9.38 15.58 -15.78
C LYS D 14 -9.55 16.42 -14.49
N HIS D 15 -8.82 16.06 -13.44
CA HIS D 15 -8.88 16.82 -12.19
C HIS D 15 -7.55 16.81 -11.45
N TYR D 16 -7.33 17.82 -10.63
CA TYR D 16 -6.13 17.88 -9.84
C TYR D 16 -6.33 18.71 -8.59
N THR D 17 -5.67 18.30 -7.51
CA THR D 17 -5.71 18.98 -6.23
C THR D 17 -4.99 20.32 -6.27
N PRO D 18 -5.62 21.38 -5.74
CA PRO D 18 -4.97 22.69 -5.70
C PRO D 18 -3.70 22.65 -4.87
N LEU D 19 -2.66 23.34 -5.34
CA LEU D 19 -1.38 23.39 -4.65
C LEU D 19 -1.44 23.73 -3.15
N ASP D 20 -2.38 24.58 -2.75
CA ASP D 20 -2.39 25.05 -1.36
C ASP D 20 -2.82 23.98 -0.35
N ILE D 21 -3.52 22.95 -0.83
CA ILE D 21 -3.76 21.78 -0.01
C ILE D 21 -2.45 21.22 0.54
N ALA D 22 -1.44 21.13 -0.31
CA ALA D 22 -0.14 20.61 0.10
C ALA D 22 0.62 21.56 1.01
N SER D 23 0.53 22.85 0.74
CA SER D 23 1.19 23.86 1.58
C SER D 23 0.54 23.96 2.97
N GLN D 24 -0.77 23.78 3.04
CA GLN D 24 -1.45 23.75 4.34
C GLN D 24 -1.01 22.53 5.16
N ALA D 25 -0.78 21.40 4.49
CA ALA D 25 -0.34 20.21 5.21
C ALA D 25 1.04 20.44 5.81
N ILE D 26 1.99 20.85 4.98
CA ILE D 26 3.33 21.18 5.44
C ILE D 26 3.34 22.11 6.67
N ARG D 27 2.54 23.16 6.62
CA ARG D 27 2.52 24.15 7.70
C ARG D 27 1.89 23.58 8.96
N THR D 28 1.00 22.61 8.80
CA THR D 28 0.39 21.92 9.94
C THR D 28 1.40 21.22 10.87
N CYS D 29 2.40 20.57 10.28
CA CYS D 29 3.41 19.83 11.05
C CYS D 29 4.14 20.73 12.03
N TRP D 30 4.62 21.87 11.54
CA TRP D 30 5.40 22.78 12.38
C TRP D 30 4.60 23.96 12.93
N GLN D 31 3.31 23.99 12.61
CA GLN D 31 2.42 25.07 13.01
C GLN D 31 2.94 26.43 12.56
N SER D 32 3.32 26.53 11.30
CA SER D 32 3.98 27.75 10.80
C SER D 32 3.06 28.62 9.93
N PHE D 33 1.79 28.70 10.31
CA PHE D 33 0.76 29.44 9.57
C PHE D 33 0.97 30.97 9.58
N GLU D 34 1.54 31.50 10.66
CA GLU D 34 1.92 32.92 10.70
C GLU D 34 2.73 33.32 9.46
N TYR D 35 3.65 32.45 9.04
CA TYR D 35 4.58 32.76 7.96
C TYR D 35 4.04 32.49 6.55
N SER D 36 2.79 32.02 6.48
CA SER D 36 2.14 31.76 5.19
C SER D 36 1.98 33.03 4.36
N ASP D 37 1.76 32.86 3.06
CA ASP D 37 1.42 33.99 2.18
C ASP D 37 0.24 33.67 1.26
N ASP D 38 -0.64 32.78 1.75
CA ASP D 38 -1.85 32.40 1.02
C ASP D 38 -1.59 31.89 -0.40
N GLY D 39 -0.88 30.77 -0.51
CA GLY D 39 -0.56 30.19 -1.80
C GLY D 39 0.17 31.15 -2.73
N GLY D 40 1.07 31.93 -2.16
CA GLY D 40 1.89 32.83 -2.95
C GLY D 40 3.25 32.23 -3.23
N CYS D 41 4.20 33.09 -3.60
CA CYS D 41 5.57 32.67 -3.91
C CYS D 41 6.16 31.71 -2.87
N LYS D 42 6.14 32.13 -1.60
CA LYS D 42 6.72 31.36 -0.49
C LYS D 42 6.03 30.02 -0.22
N ASP D 43 4.69 30.00 -0.29
CA ASP D 43 3.93 28.77 -0.12
C ASP D 43 4.32 27.77 -1.20
N LYS D 44 4.45 28.28 -2.42
CA LYS D 44 4.79 27.48 -3.58
C LYS D 44 6.20 26.89 -3.48
N GLU D 45 7.17 27.71 -3.08
CA GLU D 45 8.53 27.22 -2.91
C GLU D 45 8.65 26.27 -1.72
N LEU D 46 7.81 26.49 -0.71
CA LEU D 46 7.75 25.62 0.47
C LEU D 46 7.43 24.18 0.05
N ILE D 47 6.39 24.04 -0.76
CA ILE D 47 5.98 22.72 -1.23
C ILE D 47 7.13 22.03 -1.95
N HIS D 48 7.87 22.78 -2.75
CA HIS D 48 8.95 22.21 -3.53
C HIS D 48 10.15 21.81 -2.67
N ARG D 49 10.62 22.74 -1.85
CA ARG D 49 11.80 22.47 -1.00
C ARG D 49 11.55 21.36 0.00
N VAL D 50 10.43 21.43 0.72
CA VAL D 50 10.14 20.47 1.77
C VAL D 50 9.67 19.13 1.21
N GLY D 51 8.79 19.19 0.21
CA GLY D 51 8.29 18.00 -0.43
C GLY D 51 9.41 17.14 -1.01
N ASN D 52 10.52 17.76 -1.36
CA ASN D 52 11.67 17.02 -1.87
C ASN D 52 12.71 16.53 -0.83
N ILE D 53 12.55 16.91 0.43
CA ILE D 53 13.29 16.27 1.52
C ILE D 53 12.65 14.90 1.74
N PHE D 54 13.42 13.82 1.68
CA PHE D 54 12.81 12.49 1.71
C PHE D 54 11.95 12.19 2.95
N ARG D 55 12.38 12.62 4.13
CA ARG D 55 11.62 12.36 5.35
C ARG D 55 10.27 13.09 5.36
N HIS D 56 10.17 14.20 4.62
CA HIS D 56 8.92 14.95 4.54
C HIS D 56 8.18 14.80 3.21
N SER D 57 8.64 13.90 2.33
CA SER D 57 8.05 13.80 1.00
C SER D 57 6.62 13.23 1.00
N SER D 58 6.22 12.61 2.10
CA SER D 58 4.83 12.17 2.24
C SER D 58 3.87 13.36 2.28
N THR D 59 4.41 14.58 2.44
CA THR D 59 3.60 15.78 2.27
C THR D 59 2.95 15.90 0.86
N LEU D 60 3.62 15.36 -0.17
CA LEU D 60 3.16 15.45 -1.57
C LEU D 60 1.98 14.51 -1.89
N GLU D 61 1.78 13.52 -1.03
CA GLU D 61 0.69 12.57 -1.16
C GLU D 61 -0.69 13.22 -1.09
N HIS D 62 -0.77 14.42 -0.53
CA HIS D 62 -2.06 15.11 -0.45
C HIS D 62 -2.53 15.62 -1.84
N LEU D 63 -1.57 15.91 -2.74
CA LEU D 63 -1.88 16.23 -4.14
C LEU D 63 -2.23 15.00 -4.98
N TYR D 64 -3.43 15.03 -5.55
CA TYR D 64 -3.95 13.89 -6.31
C TYR D 64 -4.32 14.33 -7.72
N TYR D 65 -4.01 13.47 -8.70
CA TYR D 65 -4.28 13.79 -10.10
C TYR D 65 -5.14 12.72 -10.74
N ASN D 66 -6.23 13.10 -11.37
CA ASN D 66 -7.04 12.16 -12.16
C ASN D 66 -6.79 12.28 -13.67
N PHE D 67 -6.31 11.20 -14.29
CA PHE D 67 -6.01 11.22 -15.72
C PHE D 67 -6.90 10.29 -16.53
N GLU D 68 -7.09 10.63 -17.80
CA GLU D 68 -7.60 9.70 -18.81
C GLU D 68 -6.46 9.37 -19.79
N ILE D 69 -6.28 8.08 -20.07
CA ILE D 69 -5.27 7.67 -21.04
C ILE D 69 -5.90 6.82 -22.16
N LYS D 70 -5.82 7.31 -23.39
CA LYS D 70 -6.28 6.57 -24.57
C LYS D 70 -5.11 6.25 -25.49
N GLY D 71 -5.16 5.09 -26.12
CA GLY D 71 -4.15 4.74 -27.12
C GLY D 71 -2.91 4.07 -26.59
N LEU D 72 -2.99 3.58 -25.35
CA LEU D 72 -1.88 2.81 -24.76
C LEU D 72 -1.98 1.33 -25.21
N SER D 73 -0.84 0.70 -25.48
CA SER D 73 -0.85 -0.74 -25.81
C SER D 73 -1.03 -1.60 -24.56
N ARG D 74 -1.61 -2.78 -24.73
CA ARG D 74 -1.69 -3.77 -23.65
C ARG D 74 -0.30 -4.08 -23.13
N GLY D 75 0.70 -4.02 -24.01
CA GLY D 75 2.07 -4.23 -23.61
C GLY D 75 2.52 -3.24 -22.55
N ALA D 76 2.28 -1.96 -22.80
CA ALA D 76 2.67 -0.94 -21.84
C ALA D 76 1.76 -1.00 -20.61
N LEU D 77 0.53 -1.45 -20.79
CA LEU D 77 -0.37 -1.64 -19.68
C LEU D 77 0.24 -2.64 -18.69
N GLN D 78 0.88 -3.69 -19.20
CA GLN D 78 1.58 -4.64 -18.34
C GLN D 78 2.55 -3.89 -17.45
N GLU D 79 3.28 -2.95 -18.03
CA GLU D 79 4.30 -2.22 -17.28
C GLU D 79 3.75 -1.13 -16.35
N LEU D 80 2.69 -0.45 -16.77
CA LEU D 80 2.05 0.57 -15.95
C LEU D 80 1.38 -0.01 -14.69
N SER D 81 0.71 -1.15 -14.83
CA SER D 81 0.08 -1.82 -13.70
C SER D 81 1.02 -2.26 -12.62
N ARG D 82 2.32 -2.28 -12.91
CA ARG D 82 3.30 -2.66 -11.90
C ARG D 82 3.52 -1.54 -10.87
N HIS D 83 3.12 -0.31 -11.21
CA HIS D 83 3.09 0.75 -10.19
C HIS D 83 1.86 0.59 -9.31
N ARG D 84 2.12 0.03 -8.14
CA ARG D 84 1.08 -0.38 -7.19
C ARG D 84 0.41 0.75 -6.41
N ILE D 85 1.11 1.86 -6.22
CA ILE D 85 0.50 2.98 -5.52
C ILE D 85 -0.14 3.98 -6.51
N ALA D 86 -1.28 3.54 -7.04
CA ALA D 86 -2.03 4.27 -8.04
C ALA D 86 -3.34 3.52 -8.18
N SER D 87 -4.30 4.13 -8.85
CA SER D 87 -5.60 3.50 -9.08
C SER D 87 -5.88 3.52 -10.57
N LEU D 88 -6.35 2.38 -11.08
CA LEU D 88 -6.67 2.27 -12.50
C LEU D 88 -8.03 1.64 -12.72
N SER D 89 -8.72 2.13 -13.74
CA SER D 89 -9.89 1.45 -14.26
C SER D 89 -9.67 1.31 -15.75
N VAL D 90 -9.60 0.06 -16.19
CA VAL D 90 -9.15 -0.27 -17.52
C VAL D 90 -10.24 -0.94 -18.33
N LYS D 91 -10.39 -0.46 -19.57
CA LYS D 91 -11.19 -1.14 -20.58
C LYS D 91 -10.85 -2.64 -20.56
N SER D 92 -11.87 -3.46 -20.35
CA SER D 92 -11.69 -4.91 -20.27
C SER D 92 -11.84 -5.59 -21.63
N SER D 93 -10.87 -6.39 -22.04
CA SER D 93 -10.98 -7.20 -23.25
C SER D 93 -12.08 -8.27 -23.10
N ARG D 94 -12.14 -8.89 -21.93
CA ARG D 94 -13.16 -9.90 -21.63
C ARG D 94 -14.59 -9.45 -21.97
N TYR D 95 -14.81 -8.15 -22.05
CA TYR D 95 -16.16 -7.63 -22.23
C TYR D 95 -16.31 -6.78 -23.48
N THR D 96 -15.24 -6.12 -23.91
CA THR D 96 -15.37 -5.17 -25.02
C THR D 96 -14.82 -5.64 -26.37
N LEU D 97 -14.33 -6.89 -26.44
CA LEU D 97 -13.80 -7.40 -27.72
C LEU D 97 -14.87 -7.42 -28.81
N ARG D 98 -16.14 -7.44 -28.40
CA ARG D 98 -17.28 -7.36 -29.30
C ARG D 98 -17.13 -6.23 -30.31
N GLU D 99 -16.27 -5.26 -30.01
CA GLU D 99 -16.08 -4.13 -30.91
C GLU D 99 -15.62 -4.59 -32.29
N LEU D 100 -15.01 -5.78 -32.35
CA LEU D 100 -14.48 -6.32 -33.59
C LEU D 100 -15.52 -7.07 -34.41
N LYS D 101 -16.62 -7.46 -33.78
CA LYS D 101 -17.67 -8.21 -34.47
C LYS D 101 -18.26 -7.44 -35.65
N GLU D 102 -18.03 -6.13 -35.68
CA GLU D 102 -18.59 -5.27 -36.71
C GLU D 102 -17.66 -5.04 -37.91
N VAL D 103 -16.46 -4.53 -37.64
CA VAL D 103 -15.56 -4.03 -38.69
C VAL D 103 -15.27 -5.02 -39.82
N GLU D 104 -14.70 -4.50 -40.91
CA GLU D 104 -14.39 -5.28 -42.10
C GLU D 104 -12.96 -5.79 -42.10
N SER D 105 -12.74 -6.93 -42.77
CA SER D 105 -11.42 -7.54 -42.84
C SER D 105 -10.34 -6.48 -43.05
N PHE D 106 -9.15 -6.72 -42.50
CA PHE D 106 -8.04 -5.79 -42.65
C PHE D 106 -7.09 -6.24 -43.75
N LEU D 107 -7.44 -7.34 -44.41
CA LEU D 107 -6.70 -7.83 -45.57
C LEU D 107 -7.36 -7.34 -46.86
N PRO D 108 -6.56 -7.01 -47.87
CA PRO D 108 -5.10 -7.12 -47.91
C PRO D 108 -4.41 -5.96 -47.22
N LEU D 109 -3.15 -6.16 -46.85
CA LEU D 109 -2.38 -5.16 -46.09
C LEU D 109 -2.01 -3.91 -46.87
N ASN D 110 -3.00 -3.34 -47.57
CA ASN D 110 -2.83 -2.07 -48.24
C ASN D 110 -2.92 -0.92 -47.24
N GLU D 111 -2.59 0.28 -47.70
CA GLU D 111 -2.52 1.44 -46.83
C GLU D 111 -3.86 1.88 -46.24
N THR D 112 -4.95 1.43 -46.83
CA THR D 112 -6.27 1.76 -46.32
C THR D 112 -6.65 0.88 -45.14
N ASN D 113 -6.23 -0.38 -45.19
CA ASN D 113 -6.50 -1.30 -44.10
C ASN D 113 -5.51 -1.13 -42.95
N LEU D 114 -4.31 -0.65 -43.26
CA LEU D 114 -3.34 -0.35 -42.22
C LEU D 114 -3.82 0.81 -41.38
N GLU D 115 -4.27 1.87 -42.06
CA GLU D 115 -4.85 3.02 -41.39
C GLU D 115 -5.99 2.61 -40.47
N ARG D 116 -6.94 1.86 -41.01
CA ARG D 116 -8.06 1.34 -40.23
C ARG D 116 -7.56 0.51 -39.05
N ALA D 117 -6.41 -0.15 -39.24
CA ALA D 117 -5.86 -1.02 -38.21
C ALA D 117 -5.31 -0.23 -37.01
N ARG D 118 -4.73 0.94 -37.27
CA ARG D 118 -4.21 1.76 -36.18
C ARG D 118 -5.29 2.24 -35.22
N GLU D 119 -6.55 2.14 -35.63
CA GLU D 119 -7.64 2.37 -34.69
C GLU D 119 -7.51 1.43 -33.51
N PHE D 120 -7.08 0.19 -33.76
CA PHE D 120 -7.06 -0.83 -32.73
C PHE D 120 -5.65 -1.20 -32.30
N LEU D 121 -4.63 -0.69 -32.99
CA LEU D 121 -3.28 -1.15 -32.74
C LEU D 121 -2.29 -0.02 -32.57
N VAL D 122 -1.33 -0.25 -31.67
CA VAL D 122 -0.21 0.65 -31.50
C VAL D 122 0.90 0.25 -32.47
N PHE D 123 1.20 1.11 -33.43
CA PHE D 123 2.27 0.81 -34.38
C PHE D 123 3.61 1.29 -33.82
N VAL D 124 4.69 0.58 -34.15
CA VAL D 124 6.03 1.00 -33.74
C VAL D 124 6.87 1.39 -34.95
N ASP D 125 8.10 1.77 -34.74
CA ASP D 125 8.93 2.14 -35.86
C ASP D 125 9.60 0.95 -36.47
N ASN D 126 8.77 0.05 -36.97
CA ASN D 126 9.16 -1.01 -37.83
C ASN D 126 7.97 -1.51 -38.62
N GLU D 127 8.01 -1.40 -39.92
CA GLU D 127 6.90 -1.77 -40.77
C GLU D 127 6.56 -3.26 -40.71
N LYS D 128 7.57 -4.09 -40.57
CA LYS D 128 7.39 -5.54 -40.45
C LYS D 128 6.66 -5.96 -39.17
N VAL D 129 7.05 -5.36 -38.04
CA VAL D 129 6.37 -5.66 -36.79
C VAL D 129 4.92 -5.25 -36.92
N ASN D 130 4.68 -4.05 -37.42
CA ASN D 130 3.30 -3.55 -37.56
C ASN D 130 2.45 -4.46 -38.43
N ALA D 131 3.05 -4.99 -39.49
CA ALA D 131 2.35 -5.90 -40.38
C ALA D 131 1.98 -7.17 -39.62
N MET D 132 2.90 -7.70 -38.84
CA MET D 132 2.59 -8.87 -38.03
C MET D 132 1.46 -8.57 -37.04
N SER D 133 1.49 -7.39 -36.44
CA SER D 133 0.41 -6.98 -35.53
C SER D 133 -0.93 -6.95 -36.24
N VAL D 134 -0.96 -6.41 -37.46
CA VAL D 134 -2.21 -6.39 -38.24
C VAL D 134 -2.71 -7.79 -38.58
N LEU D 135 -1.78 -8.70 -38.85
CA LEU D 135 -2.15 -10.09 -39.15
C LEU D 135 -2.72 -10.79 -37.92
N ALA D 136 -2.11 -10.55 -36.76
CA ALA D 136 -2.65 -11.07 -35.51
C ALA D 136 -4.04 -10.48 -35.29
N LEU D 137 -4.16 -9.17 -35.53
CA LEU D 137 -5.45 -8.47 -35.43
C LEU D 137 -6.54 -9.07 -36.34
N GLU D 138 -6.20 -9.37 -37.59
CA GLU D 138 -7.18 -9.99 -38.49
C GLU D 138 -7.60 -11.40 -38.03
N ASN D 139 -6.67 -12.20 -37.53
CA ASN D 139 -7.05 -13.50 -36.99
C ASN D 139 -7.93 -13.39 -35.73
N LEU D 140 -7.72 -12.35 -34.93
CA LEU D 140 -8.59 -12.11 -33.79
C LEU D 140 -9.97 -11.77 -34.27
N ARG D 141 -10.04 -10.86 -35.25
CA ARG D 141 -11.32 -10.49 -35.83
C ARG D 141 -12.05 -11.74 -36.36
N VAL D 142 -11.30 -12.60 -37.06
CA VAL D 142 -11.85 -13.83 -37.63
C VAL D 142 -12.49 -14.72 -36.57
N LEU D 143 -11.79 -14.90 -35.44
CA LEU D 143 -12.32 -15.72 -34.34
C LEU D 143 -13.61 -15.15 -33.77
N LEU D 144 -13.70 -13.83 -33.72
CA LEU D 144 -14.86 -13.18 -33.11
C LEU D 144 -16.08 -13.17 -34.05
N SER D 145 -15.86 -12.76 -35.31
CA SER D 145 -16.95 -12.58 -36.27
C SER D 145 -17.39 -13.88 -36.95
N GLU D 146 -16.47 -14.54 -37.63
CA GLU D 146 -16.81 -15.74 -38.39
C GLU D 146 -17.16 -16.93 -37.48
N HIS D 147 -16.39 -17.13 -36.41
CA HIS D 147 -16.59 -18.31 -35.57
C HIS D 147 -17.38 -18.02 -34.29
N ASN D 148 -17.64 -16.74 -34.03
CA ASN D 148 -18.35 -16.34 -32.81
C ASN D 148 -17.75 -16.92 -31.52
N ILE D 149 -16.42 -16.89 -31.40
CA ILE D 149 -15.78 -17.41 -30.21
C ILE D 149 -15.98 -16.45 -29.03
N LYS D 150 -16.18 -17.00 -27.82
CA LYS D 150 -16.27 -16.19 -26.59
C LYS D 150 -15.08 -15.25 -26.42
N ASN D 151 -15.34 -14.06 -25.89
CA ASN D 151 -14.27 -13.12 -25.55
C ASN D 151 -13.19 -13.79 -24.70
N ASP D 152 -13.62 -14.59 -23.72
CA ASP D 152 -12.69 -15.17 -22.75
C ASP D 152 -11.73 -16.14 -23.39
N LEU D 153 -12.06 -16.61 -24.59
CA LEU D 153 -11.21 -17.53 -25.31
C LEU D 153 -10.41 -16.83 -26.40
N ALA D 154 -11.11 -16.05 -27.22
CA ALA D 154 -10.45 -15.37 -28.33
C ALA D 154 -9.38 -14.39 -27.86
N LYS D 155 -9.48 -13.92 -26.62
CA LYS D 155 -8.54 -12.94 -26.09
C LYS D 155 -7.10 -13.46 -26.01
N TYR D 156 -6.94 -14.78 -25.96
CA TYR D 156 -5.61 -15.40 -25.95
C TYR D 156 -4.82 -15.19 -27.23
N ALA D 157 -5.49 -14.83 -28.32
CA ALA D 157 -4.80 -14.61 -29.58
C ALA D 157 -4.58 -13.12 -29.82
N MET D 158 -4.83 -12.32 -28.80
CA MET D 158 -4.70 -10.89 -28.94
C MET D 158 -3.20 -10.50 -28.95
N PRO D 159 -2.80 -9.58 -29.84
CA PRO D 159 -1.42 -9.09 -29.85
C PRO D 159 -1.23 -8.05 -28.76
N GLU D 160 -0.02 -7.95 -28.25
CA GLU D 160 0.24 -7.02 -27.16
C GLU D 160 0.19 -5.55 -27.61
N SER D 161 0.09 -5.33 -28.92
CA SER D 161 -0.03 -3.97 -29.45
C SER D 161 -1.47 -3.46 -29.46
N TYR D 162 -2.41 -4.33 -29.14
CA TYR D 162 -3.81 -3.94 -29.07
C TYR D 162 -4.02 -2.74 -28.13
N LYS D 163 -4.78 -1.74 -28.60
CA LYS D 163 -5.00 -0.53 -27.82
C LYS D 163 -5.95 -0.72 -26.64
N THR D 164 -5.58 -0.08 -25.53
CA THR D 164 -6.44 -0.04 -24.36
C THR D 164 -6.73 1.41 -23.98
N HIS D 165 -7.66 1.56 -23.05
CA HIS D 165 -8.16 2.84 -22.61
C HIS D 165 -8.36 2.78 -21.07
N LEU D 166 -7.86 3.77 -20.34
CA LEU D 166 -8.01 3.71 -18.87
C LEU D 166 -8.14 5.05 -18.16
N ALA D 167 -8.88 5.02 -17.06
CA ALA D 167 -8.85 6.07 -16.07
C ALA D 167 -7.69 5.74 -15.10
N TYR D 168 -6.85 6.73 -14.85
CA TYR D 168 -5.70 6.53 -13.99
C TYR D 168 -5.60 7.65 -12.97
N SER D 169 -5.54 7.29 -11.69
CA SER D 169 -5.37 8.29 -10.65
C SER D 169 -4.17 8.00 -9.75
N ILE D 170 -3.41 9.06 -9.46
CA ILE D 170 -2.16 8.89 -8.74
C ILE D 170 -1.82 10.16 -7.95
N ASN D 171 -1.14 10.03 -6.82
CA ASN D 171 -0.78 11.21 -6.03
C ASN D 171 0.58 11.73 -6.45
N ALA D 172 0.92 12.95 -6.05
CA ALA D 172 2.16 13.58 -6.51
C ALA D 172 3.44 12.82 -6.17
N ARG D 173 3.49 12.21 -4.98
CA ARG D 173 4.69 11.50 -4.54
C ARG D 173 4.92 10.26 -5.41
N SER D 174 3.85 9.53 -5.70
CA SER D 174 3.95 8.37 -6.57
CA SER D 174 3.94 8.37 -6.56
C SER D 174 4.19 8.77 -8.03
N LEU D 175 3.61 9.90 -8.45
CA LEU D 175 3.84 10.37 -9.82
C LEU D 175 5.32 10.76 -10.01
N GLN D 176 5.91 11.39 -9.00
CA GLN D 176 7.34 11.64 -9.09
C GLN D 176 8.12 10.35 -9.33
N ASN D 177 7.78 9.29 -8.61
CA ASN D 177 8.44 7.99 -8.75
C ASN D 177 8.18 7.37 -10.14
N LEU D 178 6.94 7.46 -10.60
CA LEU D 178 6.58 6.94 -11.94
C LEU D 178 7.39 7.63 -13.04
N LEU D 179 7.46 8.98 -12.97
CA LEU D 179 8.07 9.79 -14.01
C LEU D 179 9.57 9.62 -14.06
N THR D 180 10.17 9.40 -12.89
CA THR D 180 11.60 9.13 -12.79
C THR D 180 11.95 7.78 -13.38
N LEU D 181 11.22 6.74 -12.99
CA LEU D 181 11.51 5.39 -13.46
C LEU D 181 11.31 5.27 -14.98
N ARG D 182 10.23 5.86 -15.49
CA ARG D 182 9.78 5.60 -16.86
C ARG D 182 10.27 6.62 -17.90
N SER D 183 10.93 7.70 -17.47
CA SER D 183 11.51 8.64 -18.41
C SER D 183 13.01 8.35 -18.58
N SER D 184 13.48 7.32 -17.88
CA SER D 184 14.84 6.83 -18.03
C SER D 184 15.05 6.29 -19.43
N ASN D 185 16.30 6.20 -19.88
CA ASN D 185 16.57 5.61 -21.19
C ASN D 185 16.60 4.08 -21.16
N LYS D 186 16.43 3.50 -19.97
CA LYS D 186 16.31 2.06 -19.83
C LYS D 186 14.86 1.63 -20.01
N ALA D 187 13.95 2.60 -19.98
CA ALA D 187 12.53 2.31 -20.09
C ALA D 187 12.10 1.99 -21.52
N LEU D 188 11.08 1.14 -21.65
CA LEU D 188 10.46 0.89 -22.95
C LEU D 188 10.08 2.23 -23.58
N LYS D 189 10.23 2.34 -24.89
CA LYS D 189 10.00 3.65 -25.50
C LYS D 189 8.60 4.21 -25.28
N GLU D 190 7.61 3.34 -25.42
CA GLU D 190 6.22 3.76 -25.26
C GLU D 190 5.99 4.31 -23.85
N MET D 191 6.70 3.76 -22.86
CA MET D 191 6.59 4.24 -21.48
C MET D 191 7.29 5.59 -21.26
N GLN D 192 8.42 5.80 -21.92
CA GLN D 192 9.03 7.12 -21.98
C GLN D 192 8.05 8.15 -22.55
N ASP D 193 7.33 7.74 -23.60
CA ASP D 193 6.33 8.60 -24.22
C ASP D 193 5.22 8.93 -23.23
N LEU D 194 4.71 7.90 -22.54
CA LEU D 194 3.71 8.08 -21.50
C LEU D 194 4.16 9.03 -20.40
N ALA D 195 5.34 8.79 -19.84
CA ALA D 195 5.86 9.68 -18.80
C ALA D 195 5.78 11.12 -19.28
N LYS D 196 6.23 11.38 -20.51
CA LYS D 196 6.25 12.72 -21.08
C LYS D 196 4.86 13.28 -21.31
N ALA D 197 3.94 12.43 -21.74
CA ALA D 197 2.56 12.85 -21.95
C ALA D 197 1.84 13.15 -20.63
N LEU D 198 2.23 12.47 -19.55
CA LEU D 198 1.64 12.73 -18.23
C LEU D 198 2.12 14.07 -17.72
N PHE D 199 3.42 14.31 -17.86
CA PHE D 199 4.00 15.58 -17.44
C PHE D 199 3.35 16.73 -18.17
N ASP D 200 3.23 16.58 -19.49
CA ASP D 200 2.67 17.60 -20.38
C ASP D 200 1.22 17.89 -20.06
N ALA D 201 0.51 16.90 -19.53
CA ALA D 201 -0.91 17.05 -19.24
C ALA D 201 -1.15 17.69 -17.86
N LEU D 202 -0.12 17.77 -17.03
CA LEU D 202 -0.22 18.43 -15.72
C LEU D 202 -0.44 19.93 -15.87
N PRO D 203 -1.14 20.54 -14.90
CA PRO D 203 -1.32 22.00 -14.91
C PRO D 203 0.05 22.65 -14.87
N GLY D 204 0.24 23.69 -15.69
CA GLY D 204 1.53 24.36 -15.78
C GLY D 204 2.03 24.70 -14.40
N GLU D 205 1.09 25.09 -13.55
CA GLU D 205 1.35 25.50 -12.17
C GLU D 205 1.98 24.39 -11.30
N HIS D 206 1.65 23.13 -11.59
CA HIS D 206 2.17 22.00 -10.82
C HIS D 206 3.49 21.44 -11.36
N GLN D 207 3.79 21.76 -12.62
CA GLN D 207 4.89 21.10 -13.33
C GLN D 207 6.27 21.24 -12.70
N TYR D 208 6.49 22.30 -11.94
CA TYR D 208 7.81 22.51 -11.32
C TYR D 208 8.12 21.47 -10.24
N LEU D 209 7.11 20.75 -9.78
CA LEU D 209 7.33 19.68 -8.81
C LEU D 209 7.84 18.39 -9.45
N PHE D 210 7.67 18.28 -10.76
CA PHE D 210 7.92 17.02 -11.47
C PHE D 210 9.02 17.05 -12.55
N GLU D 211 9.39 18.25 -13.00
CA GLU D 211 10.25 18.35 -14.17
C GLU D 211 11.64 17.77 -13.96
N ASP D 212 12.17 17.90 -12.73
CA ASP D 212 13.46 17.32 -12.41
C ASP D 212 13.46 15.79 -12.50
N CYS D 213 12.28 15.20 -12.32
CA CYS D 213 12.11 13.75 -12.38
C CYS D 213 12.40 13.23 -13.78
N LEU D 214 12.11 14.05 -14.79
CA LEU D 214 12.37 13.71 -16.19
C LEU D 214 13.82 13.96 -16.57
N LYS D 215 14.49 14.82 -15.81
CA LYS D 215 15.87 15.17 -16.10
C LYS D 215 16.81 14.05 -15.72
N HIS D 216 17.32 13.38 -16.74
CA HIS D 216 18.34 12.36 -16.59
C HIS D 216 19.62 12.85 -17.27
N1 UMP E . -14.84 22.04 -4.25
C2 UMP E . -14.04 20.94 -4.40
N3 UMP E . -14.20 20.11 -5.50
C4 UMP E . -15.17 20.40 -6.42
C5 UMP E . -15.99 21.51 -6.27
C6 UMP E . -15.82 22.33 -5.16
O2 UMP E . -13.16 20.68 -3.57
O4 UMP E . -15.30 19.66 -7.38
C1' UMP E . -14.63 22.89 -3.06
C2' UMP E . -14.06 24.23 -3.42
C3' UMP E . -14.57 25.09 -2.29
C4' UMP E . -15.79 24.38 -1.73
O3' UMP E . -13.57 25.19 -1.30
O4' UMP E . -15.83 23.09 -2.32
C5' UMP E . -17.07 25.13 -2.08
O5' UMP E . -17.18 25.24 -3.48
P UMP E . -18.54 25.71 -4.20
OP1 UMP E . -18.44 25.38 -5.67
OP2 UMP E . -18.65 27.21 -4.03
OP3 UMP E . -19.69 25.00 -3.60
PA FAD F . -5.73 -0.08 6.31
O1A FAD F . -5.97 1.34 5.84
O2A FAD F . -4.44 -0.31 7.05
O5B FAD F . -5.87 -1.06 5.06
C5B FAD F . -6.93 -0.90 4.14
C4B FAD F . -7.08 -2.25 3.47
O4B FAD F . -5.89 -2.53 2.76
C3B FAD F . -7.21 -3.34 4.51
O3B FAD F . -8.55 -3.58 4.87
C2B FAD F . -6.55 -4.53 3.86
O2B FAD F . -7.49 -5.13 3.01
C1B FAD F . -5.54 -3.89 2.94
N9A FAD F . -4.16 -3.90 3.44
C8A FAD F . -3.44 -2.79 3.81
N7A FAD F . -2.20 -3.21 4.16
C5A FAD F . -2.12 -4.55 4.00
C6A FAD F . -1.10 -5.46 4.22
N6A FAD F . 0.14 -5.04 4.50
N1A FAD F . -1.34 -6.79 3.97
C2A FAD F . -2.57 -7.21 3.51
N3A FAD F . -3.57 -6.30 3.29
C4A FAD F . -3.35 -5.00 3.54
N1 FAD F . -4.47 -3.26 16.29
C2 FAD F . -3.59 -3.87 17.17
O2 FAD F . -2.39 -3.99 16.90
N3 FAD F . -4.04 -4.35 18.38
C4 FAD F . -5.38 -4.23 18.70
O4 FAD F . -5.76 -4.66 19.79
C4X FAD F . -6.27 -3.62 17.81
N5 FAD F . -7.59 -3.50 18.14
C5X FAD F . -8.48 -2.88 17.27
C6 FAD F . -9.81 -2.77 17.65
C7 FAD F . -10.72 -2.17 16.80
C7M FAD F . -12.17 -2.06 17.21
C8 FAD F . -10.29 -1.67 15.57
C8M FAD F . -11.29 -1.00 14.66
C9 FAD F . -8.95 -1.78 15.19
C9A FAD F . -8.03 -2.39 16.04
N10 FAD F . -6.68 -2.52 15.71
C10 FAD F . -5.81 -3.13 16.59
C1' FAD F . -6.15 -1.98 14.40
C2' FAD F . -6.33 -2.97 13.25
O2' FAD F . -5.53 -4.11 13.45
C3' FAD F . -5.98 -2.32 11.89
O3' FAD F . -4.60 -2.06 11.76
C4' FAD F . -6.73 -1.02 11.65
O4' FAD F . -8.08 -1.19 12.01
C5' FAD F . -6.64 -0.61 10.19
O5' FAD F . -7.37 -1.58 9.45
P FAD F . -7.08 -1.95 7.91
O1P FAD F . -8.26 -2.69 7.34
O2P FAD F . -5.81 -2.73 7.78
O3P FAD F . -7.00 -0.52 7.19
N1 UMP G . 6.45 11.86 13.42
C2 UMP G . 7.32 10.81 13.24
N3 UMP G . 8.66 10.99 13.54
C4 UMP G . 9.11 12.20 14.03
C5 UMP G . 8.22 13.26 14.21
C6 UMP G . 6.89 13.07 13.91
O2 UMP G . 6.90 9.74 12.80
O4 UMP G . 10.30 12.35 14.30
C1' UMP G . 5.02 11.65 13.13
C2' UMP G . 4.47 10.78 14.25
C3' UMP G . 3.14 11.43 14.59
C4' UMP G . 3.33 12.88 14.18
O3' UMP G . 2.13 10.86 13.80
O4' UMP G . 4.33 12.87 13.17
C5' UMP G . 3.81 13.75 15.35
O5' UMP G . 4.79 13.04 16.08
P UMP G . 5.63 13.61 17.31
OP1 UMP G . 4.63 13.98 18.36
OP2 UMP G . 6.49 14.78 16.88
OP3 UMP G . 6.56 12.55 17.81
N1 UMP H . -5.80 -0.06 18.09
C2 UMP H . -6.67 0.58 17.25
N3 UMP H . -8.00 0.70 17.60
C4 UMP H . -8.45 0.15 18.79
C5 UMP H . -7.55 -0.49 19.63
C6 UMP H . -6.21 -0.60 19.28
O2 UMP H . -6.26 1.06 16.18
O4 UMP H . -9.63 0.27 19.10
C1' UMP H . -4.39 -0.14 17.67
C2' UMP H . -3.77 1.25 17.88
C3' UMP H . -2.48 0.99 18.63
C4' UMP H . -2.71 -0.36 19.28
O3' UMP H . -1.39 0.91 17.74
O4' UMP H . -3.70 -1.03 18.53
C5' UMP H . -3.16 -0.20 20.74
O5' UMP H . -4.15 0.81 20.80
P UMP H . -4.91 1.17 22.20
OP1 UMP H . -3.85 1.47 23.22
OP2 UMP H . -5.80 0.03 22.64
OP3 UMP H . -5.79 2.34 21.95
PA FAD I . 6.05 3.98 4.51
O1A FAD I . 4.76 4.58 4.99
O2A FAD I . 6.38 2.59 5.04
O5B FAD I . 6.09 3.89 2.92
C5B FAD I . 7.12 3.14 2.31
C4B FAD I . 7.31 3.72 0.93
O4B FAD I . 6.16 3.43 0.16
C3B FAD I . 7.42 5.24 1.00
O3B FAD I . 8.75 5.65 1.07
C2B FAD I . 6.74 5.68 -0.29
O2B FAD I . 7.63 5.55 -1.36
C1B FAD I . 5.74 4.59 -0.53
N9A FAD I . 4.37 4.93 -0.12
C8A FAD I . 3.67 4.37 0.91
N7A FAD I . 2.43 4.93 0.94
C5A FAD I . 2.36 5.83 -0.08
C6A FAD I . 1.35 6.67 -0.51
N6A FAD I . 0.18 6.73 0.14
N1A FAD I . 1.58 7.49 -1.59
C2A FAD I . 2.79 7.49 -2.24
N3A FAD I . 3.80 6.65 -1.80
C4A FAD I . 3.58 5.84 -0.74
N1 FAD I . 5.04 13.08 9.98
C2 FAD I . 4.17 14.12 10.28
O2 FAD I . 2.97 13.99 10.00
N3 FAD I . 4.63 15.27 10.86
C4 FAD I . 5.98 15.38 11.16
O4 FAD I . 6.38 16.41 11.68
C4X FAD I . 6.85 14.34 10.84
N5 FAD I . 8.20 14.43 11.11
C5X FAD I . 9.06 13.39 10.83
C6 FAD I . 10.40 13.53 11.15
C7 FAD I . 11.28 12.51 10.86
C7M FAD I . 12.72 12.70 11.23
C8 FAD I . 10.84 11.32 10.26
C8M FAD I . 11.80 10.21 9.96
C9 FAD I . 9.48 11.17 9.94
C9A FAD I . 8.58 12.22 10.23
N10 FAD I . 7.24 12.12 9.95
C10 FAD I . 6.38 13.18 10.26
C1' FAD I . 6.67 10.87 9.32
C2' FAD I . 6.93 10.79 7.81
O2' FAD I . 6.21 11.82 7.17
C3' FAD I . 6.51 9.43 7.23
O3' FAD I . 5.12 9.31 7.29
C4' FAD I . 7.04 8.21 7.97
O4' FAD I . 8.37 8.37 8.36
C5' FAD I . 6.93 6.96 7.09
O5' FAD I . 7.77 7.14 5.98
P FAD I . 7.40 6.51 4.54
O1P FAD I . 6.14 7.15 3.99
O2P FAD I . 8.58 6.71 3.63
O3P FAD I . 7.29 4.93 4.83
N1 UMP J . 8.37 -4.76 -16.57
C2 UMP J . 8.14 -3.40 -16.48
N3 UMP J . 8.98 -2.54 -17.14
C4 UMP J . 10.02 -3.01 -17.91
C5 UMP J . 10.25 -4.39 -18.00
C6 UMP J . 9.40 -5.26 -17.33
O2 UMP J . 7.21 -3.00 -15.78
O4 UMP J . 10.76 -2.21 -18.49
C1' UMP J . 7.44 -5.63 -15.83
C2' UMP J . 6.10 -5.62 -16.56
C3' UMP J . 5.71 -7.08 -16.53
C4' UMP J . 7.04 -7.84 -16.41
O3' UMP J . 4.93 -7.32 -15.38
O4' UMP J . 7.95 -6.95 -15.81
C5' UMP J . 7.61 -8.26 -17.76
O5' UMP J . 7.17 -7.38 -18.78
P UMP J . 7.95 -7.19 -20.17
OP1 UMP J . 7.50 -8.34 -21.04
OP2 UMP J . 9.46 -7.21 -20.04
OP3 UMP J . 7.55 -5.89 -20.76
PA FAD K . -5.25 -5.50 -3.98
O1A FAD K . -4.26 -6.61 -3.73
O2A FAD K . -4.78 -4.46 -4.98
O5B FAD K . -5.58 -4.76 -2.60
C5B FAD K . -5.87 -5.53 -1.45
C4B FAD K . -6.78 -4.70 -0.57
O4B FAD K . -6.08 -3.53 -0.19
C3B FAD K . -8.00 -4.23 -1.36
O3B FAD K . -9.09 -5.12 -1.22
C2B FAD K . -8.28 -2.86 -0.77
O2B FAD K . -9.01 -3.01 0.43
C1B FAD K . -6.91 -2.39 -0.32
N9A FAD K . -6.27 -1.42 -1.22
C8A FAD K . -5.14 -1.60 -1.97
N7A FAD K . -4.87 -0.44 -2.61
C5A FAD K . -5.82 0.47 -2.28
C6A FAD K . -6.04 1.79 -2.65
N6A FAD K . -5.12 2.46 -3.33
N1A FAD K . -7.12 2.46 -2.13
C2A FAD K . -7.99 1.83 -1.27
N3A FAD K . -7.77 0.53 -0.91
C4A FAD K . -6.71 -0.13 -1.40
N1 FAD K . -10.18 -3.98 -13.32
C2 FAD K . -10.42 -3.08 -14.34
O2 FAD K . -9.76 -2.06 -14.44
N3 FAD K . -11.42 -3.31 -15.26
C4 FAD K . -12.19 -4.45 -15.18
O4 FAD K . -13.07 -4.63 -16.01
C4X FAD K . -11.96 -5.37 -14.16
N5 FAD K . -12.74 -6.52 -14.07
C5X FAD K . -12.47 -7.42 -13.06
C6 FAD K . -13.24 -8.58 -12.96
C7 FAD K . -13.01 -9.50 -11.96
C7M FAD K . -13.84 -10.74 -11.87
C8 FAD K . -12.00 -9.26 -11.01
C8M FAD K . -11.74 -10.25 -9.92
C9 FAD K . -11.22 -8.10 -11.09
C9A FAD K . -11.46 -7.18 -12.11
N10 FAD K . -10.70 -6.02 -12.20
C10 FAD K . -10.95 -5.13 -13.22
C1' FAD K . -9.58 -5.74 -11.24
C2' FAD K . -10.01 -5.18 -9.88
O2' FAD K . -10.68 -3.95 -10.07
C3' FAD K . -8.81 -5.00 -8.95
O3' FAD K . -7.90 -4.04 -9.46
C4' FAD K . -8.06 -6.30 -8.67
O4' FAD K . -8.99 -7.31 -8.46
C5' FAD K . -7.31 -6.19 -7.36
O5' FAD K . -8.28 -6.18 -6.33
P FAD K . -7.97 -5.48 -4.90
O1P FAD K . -9.09 -5.82 -3.92
O2P FAD K . -7.82 -4.01 -5.11
O3P FAD K . -6.63 -6.23 -4.39
N1 UMP L . -9.12 -7.27 -15.02
C2 UMP L . -8.82 -8.29 -14.17
N3 UMP L . -9.61 -9.42 -14.14
C4 UMP L . -10.69 -9.53 -15.00
C5 UMP L . -10.98 -8.49 -15.88
C6 UMP L . -10.18 -7.36 -15.90
O2 UMP L . -7.86 -8.17 -13.41
O4 UMP L . -11.39 -10.53 -15.00
C1' UMP L . -8.24 -6.10 -15.04
C2' UMP L . -6.91 -6.55 -15.62
C3' UMP L . -6.61 -5.56 -16.70
C4' UMP L . -7.96 -4.93 -17.04
O3' UMP L . -5.75 -4.57 -16.22
O4' UMP L . -8.78 -5.12 -15.90
C5' UMP L . -8.58 -5.57 -18.29
O5' UMP L . -8.26 -6.94 -18.33
P UMP L . -8.88 -7.96 -19.43
OP1 UMP L . -8.31 -7.52 -20.76
OP2 UMP L . -10.39 -7.92 -19.46
OP3 UMP L . -8.45 -9.34 -19.08
PA FAD M . 5.06 1.25 -6.87
O1A FAD M . 3.99 2.26 -7.23
O2A FAD M . 4.60 -0.18 -6.97
O5B FAD M . 5.60 1.59 -5.40
C5B FAD M . 5.86 2.92 -5.00
C4B FAD M . 6.86 2.87 -3.85
O4B FAD M . 6.22 2.33 -2.70
C3B FAD M . 8.04 1.95 -4.15
O3B FAD M . 9.12 2.62 -4.75
C2B FAD M . 8.39 1.36 -2.80
O2B FAD M . 9.25 2.23 -2.09
C1B FAD M . 7.06 1.38 -2.07
N9A FAD M . 6.39 0.07 -2.09
C8A FAD M . 5.26 -0.27 -2.79
N7A FAD M . 4.97 -1.57 -2.51
C5A FAD M . 5.92 -2.05 -1.66
C6A FAD M . 6.12 -3.29 -1.06
N6A FAD M . 5.14 -4.21 -1.02
N1A FAD M . 7.20 -3.45 -0.23
C2A FAD M . 8.07 -2.41 0.01
N3A FAD M . 7.89 -1.19 -0.57
C4A FAD M . 6.82 -1.02 -1.41
N1 FAD M . 9.68 -5.92 -13.07
C2 FAD M . 9.82 -7.28 -13.22
O2 FAD M . 9.14 -8.04 -12.53
N3 FAD M . 10.71 -7.78 -14.16
C4 FAD M . 11.47 -6.92 -14.92
O4 FAD M . 12.27 -7.38 -15.75
C4X FAD M . 11.33 -5.54 -14.75
N5 FAD M . 12.07 -4.65 -15.50
C5X FAD M . 11.90 -3.29 -15.33
C6 FAD M . 12.66 -2.40 -16.10
C7 FAD M . 12.49 -1.03 -15.93
C7M FAD M . 13.31 -0.06 -16.75
C8 FAD M . 11.58 -0.54 -14.99
C8M FAD M . 11.41 0.94 -14.82
C9 FAD M . 10.82 -1.42 -14.23
C9A FAD M . 10.98 -2.80 -14.40
N10 FAD M . 10.25 -3.70 -13.65
C10 FAD M . 10.42 -5.05 -13.83
C1' FAD M . 9.22 -3.25 -12.65
C2' FAD M . 9.77 -2.78 -11.32
O2' FAD M . 10.36 -3.89 -10.71
C3' FAD M . 8.61 -2.21 -10.47
O3' FAD M . 7.61 -3.18 -10.24
C4' FAD M . 7.91 -1.04 -11.15
O4' FAD M . 8.89 -0.26 -11.80
C5' FAD M . 7.16 -0.15 -10.15
O5' FAD M . 8.11 0.38 -9.24
P FAD M . 7.75 0.70 -7.71
O1P FAD M . 7.57 -0.57 -6.91
O2P FAD M . 8.88 1.57 -7.15
O3P FAD M . 6.37 1.55 -7.79
#